data_7LL9
#
_entry.id   7LL9
#
_cell.length_a   66.850
_cell.length_b   120.437
_cell.length_c   120.437
_cell.angle_alpha   90.000
_cell.angle_beta   90.000
_cell.angle_gamma   90.000
#
_symmetry.space_group_name_H-M   'P 21 21 21'
#
loop_
_entity.id
_entity.type
_entity.pdbx_description
1 polymer 'Isoform L-VEGF189 of Vascular endothelial growth factor A'
2 polymer RFX-V2
#
loop_
_entity_poly.entity_id
_entity_poly.type
_entity_poly.pdbx_seq_one_letter_code
_entity_poly.pdbx_strand_id
1 'polypeptide(L)'
;SGQNHHEVVKFMDVYQRSYCHPIETLVDIFQEYPDEIEYIFKPSCVPLMRCGGCCNDEGLECVPTEESNITMQIMRIKPH
QGQHIGEMSFLQHNKCECRPKKD
;
A,B,E,F
2 'polypeptide(D)'
;(DVA)(DAS)(DSG)(DLY)(DPN)(DSG)(DLY)(DGL)(DTR)(DAS)(DSG)(DAL)(DTR)(DAR)(DGL)(DIL)
(DAR)(DHI)(DLE)(DPR)(DSG)(DLE)(DSG)(DLE)(DGL)(DGN)(DLY)(DAR)(DAL)(DPN)(DIL)(DSN)
(DSN)(DLE)(DTY)(DAS)(DAS)(DPR)(DSN)(DGN)(DSN)(DAL)(DSG)(DLE)(DLE)(DAL)(DGL)(DAL)
(DLY)(DLY)(DLE)(DSG)(DAS)(DAL)(DGN)(DAL)(DPR)(DLY)
;
C,D,G,H
#
# COMPACT_ATOMS: atom_id res chain seq x y z
N GLU A 7 -32.12 10.91 -14.76
CA GLU A 7 -33.03 9.74 -14.60
C GLU A 7 -32.19 8.45 -14.50
N VAL A 8 -32.75 7.45 -13.83
CA VAL A 8 -32.04 6.21 -13.44
C VAL A 8 -31.95 5.31 -14.65
N VAL A 9 -30.85 4.57 -14.79
CA VAL A 9 -30.79 3.35 -15.66
C VAL A 9 -31.35 2.21 -14.81
N LYS A 10 -32.46 1.66 -15.26
CA LYS A 10 -33.33 0.77 -14.44
C LYS A 10 -32.58 -0.56 -14.24
N PHE A 11 -32.69 -1.20 -13.06
CA PHE A 11 -31.87 -2.40 -12.71
C PHE A 11 -31.95 -3.42 -13.85
N MET A 12 -33.13 -3.97 -14.06
CA MET A 12 -33.31 -4.99 -15.12
C MET A 12 -32.38 -4.65 -16.29
N ASP A 13 -32.37 -3.40 -16.79
CA ASP A 13 -31.69 -2.98 -18.03
C ASP A 13 -30.17 -2.98 -17.84
N VAL A 14 -29.67 -2.75 -16.61
CA VAL A 14 -28.22 -2.96 -16.27
C VAL A 14 -27.86 -4.43 -16.49
N TYR A 15 -28.18 -5.30 -15.53
CA TYR A 15 -27.94 -6.76 -15.63
C TYR A 15 -28.11 -7.24 -17.09
N GLN A 16 -29.26 -7.09 -17.72
CA GLN A 16 -29.45 -7.58 -19.11
C GLN A 16 -28.23 -7.18 -19.94
N ARG A 17 -27.78 -5.94 -19.83
CA ARG A 17 -26.82 -5.31 -20.74
C ARG A 17 -25.39 -5.61 -20.31
N SER A 18 -25.16 -5.87 -19.03
CA SER A 18 -23.82 -6.26 -18.49
C SER A 18 -23.54 -7.73 -18.78
N TYR A 19 -24.52 -8.61 -18.58
CA TYR A 19 -24.32 -10.10 -18.60
C TYR A 19 -23.36 -10.51 -19.73
N CYS A 20 -22.37 -11.30 -19.34
CA CYS A 20 -21.38 -12.03 -20.19
C CYS A 20 -21.81 -12.22 -21.66
N HIS A 21 -21.46 -11.27 -22.52
CA HIS A 21 -21.65 -11.39 -23.99
C HIS A 21 -20.38 -10.89 -24.70
N PRO A 22 -20.20 -11.19 -26.00
CA PRO A 22 -19.23 -10.52 -26.84
C PRO A 22 -19.61 -9.04 -26.94
N ILE A 23 -18.60 -8.16 -26.84
CA ILE A 23 -18.72 -6.68 -26.91
C ILE A 23 -17.55 -6.13 -27.74
N GLU A 24 -17.81 -5.27 -28.74
CA GLU A 24 -16.73 -4.55 -29.48
C GLU A 24 -15.85 -3.84 -28.45
N THR A 25 -14.54 -4.18 -28.45
CA THR A 25 -13.50 -3.68 -27.50
C THR A 25 -12.26 -3.22 -28.26
N LEU A 26 -11.63 -2.13 -27.83
CA LEU A 26 -10.45 -1.56 -28.55
C LEU A 26 -9.17 -2.15 -28.00
N VAL A 27 -8.29 -2.77 -28.81
CA VAL A 27 -7.08 -3.49 -28.29
C VAL A 27 -5.79 -2.90 -28.85
N ASP A 28 -4.94 -2.34 -28.00
CA ASP A 28 -3.60 -1.84 -28.41
C ASP A 28 -2.79 -3.02 -28.93
N ILE A 29 -2.27 -2.92 -30.16
CA ILE A 29 -1.64 -4.07 -30.86
C ILE A 29 -0.45 -4.50 -30.02
N PHE A 30 0.32 -3.53 -29.56
CA PHE A 30 1.60 -3.79 -28.86
C PHE A 30 1.39 -4.44 -27.48
N GLN A 31 0.29 -4.18 -26.78
CA GLN A 31 -0.04 -4.95 -25.54
C GLN A 31 -0.38 -6.38 -25.97
N GLU A 32 -1.37 -6.56 -26.86
CA GLU A 32 -1.82 -7.90 -27.29
C GLU A 32 -0.61 -8.69 -27.82
N TYR A 33 0.17 -8.11 -28.72
CA TYR A 33 1.40 -8.73 -29.29
C TYR A 33 2.61 -7.94 -28.85
N PRO A 34 3.29 -8.35 -27.75
CA PRO A 34 4.58 -7.75 -27.42
C PRO A 34 5.76 -8.38 -28.19
N ASP A 35 5.51 -9.32 -29.11
CA ASP A 35 6.58 -9.96 -29.91
C ASP A 35 6.77 -9.12 -31.20
N GLU A 36 6.05 -8.01 -31.31
CA GLU A 36 6.11 -7.07 -32.46
C GLU A 36 6.97 -5.84 -32.08
N ILE A 37 8.17 -6.12 -31.57
CA ILE A 37 9.01 -5.18 -30.76
C ILE A 37 9.65 -4.17 -31.72
N GLU A 38 9.95 -4.56 -32.96
CA GLU A 38 10.72 -3.75 -33.94
C GLU A 38 9.87 -2.62 -34.52
N TYR A 39 8.54 -2.76 -34.38
CA TYR A 39 7.51 -1.95 -35.08
C TYR A 39 6.62 -1.16 -34.10
N ILE A 40 6.24 0.03 -34.58
CA ILE A 40 5.02 0.79 -34.21
C ILE A 40 3.98 0.34 -35.23
N PHE A 41 2.72 0.72 -35.03
CA PHE A 41 1.60 0.36 -35.92
C PHE A 41 0.73 1.59 -36.07
N LYS A 42 0.11 1.72 -37.23
CA LYS A 42 -0.91 2.75 -37.56
C LYS A 42 -2.11 2.01 -38.13
N PRO A 43 -3.27 2.07 -37.44
CA PRO A 43 -3.36 2.68 -36.10
C PRO A 43 -2.67 1.82 -35.04
N SER A 44 -2.70 2.24 -33.76
CA SER A 44 -1.91 1.69 -32.62
C SER A 44 -2.65 0.54 -31.95
N CYS A 45 -3.76 0.12 -32.55
CA CYS A 45 -5.01 -0.16 -31.80
C CYS A 45 -6.13 -0.59 -32.75
N VAL A 46 -6.97 -1.56 -32.37
CA VAL A 46 -8.00 -2.13 -33.30
C VAL A 46 -9.29 -2.50 -32.57
N PRO A 47 -10.42 -2.53 -33.29
CA PRO A 47 -11.71 -2.88 -32.72
C PRO A 47 -11.90 -4.37 -32.93
N LEU A 48 -12.04 -5.10 -31.81
CA LEU A 48 -12.18 -6.57 -31.76
C LEU A 48 -13.33 -6.94 -30.82
N MET A 49 -14.13 -7.89 -31.29
CA MET A 49 -15.22 -8.55 -30.53
C MET A 49 -14.56 -9.41 -29.47
N ARG A 50 -14.84 -9.13 -28.20
CA ARG A 50 -14.14 -9.77 -27.06
C ARG A 50 -15.12 -9.99 -25.90
N CYS A 51 -15.08 -11.18 -25.26
CA CYS A 51 -15.94 -11.50 -24.10
C CYS A 51 -15.73 -10.44 -23.03
N GLY A 52 -16.83 -9.97 -22.45
CA GLY A 52 -16.89 -9.02 -21.33
C GLY A 52 -18.18 -9.16 -20.57
N GLY A 53 -18.17 -8.89 -19.25
CA GLY A 53 -19.40 -8.70 -18.47
C GLY A 53 -19.52 -9.61 -17.27
N CYS A 54 -20.44 -9.25 -16.36
CA CYS A 54 -20.81 -9.91 -15.08
C CYS A 54 -21.22 -11.35 -15.32
N CYS A 55 -21.17 -12.15 -14.26
CA CYS A 55 -21.82 -13.48 -14.17
C CYS A 55 -22.73 -13.55 -12.93
N ASN A 56 -23.71 -14.48 -12.95
CA ASN A 56 -24.73 -14.70 -11.89
C ASN A 56 -24.02 -14.82 -10.55
N ASP A 57 -22.90 -15.49 -10.50
CA ASP A 57 -22.20 -15.84 -9.24
C ASP A 57 -20.81 -15.21 -9.30
N GLU A 58 -20.31 -14.64 -8.21
CA GLU A 58 -18.91 -14.11 -8.13
C GLU A 58 -17.90 -15.27 -8.37
N GLY A 59 -18.34 -16.53 -8.27
CA GLY A 59 -17.51 -17.72 -8.53
C GLY A 59 -17.19 -17.85 -10.02
N LEU A 60 -18.16 -17.55 -10.88
CA LEU A 60 -18.01 -17.73 -12.34
C LEU A 60 -17.19 -16.58 -12.93
N GLU A 61 -16.74 -16.75 -14.17
CA GLU A 61 -15.98 -15.75 -14.99
C GLU A 61 -16.35 -15.96 -16.45
N CYS A 62 -16.33 -14.90 -17.20
CA CYS A 62 -17.00 -14.84 -18.53
C CYS A 62 -15.97 -15.13 -19.61
N VAL A 63 -16.07 -16.23 -20.33
CA VAL A 63 -14.95 -16.75 -21.18
C VAL A 63 -15.44 -17.14 -22.57
N PRO A 64 -14.55 -17.15 -23.57
CA PRO A 64 -14.95 -17.54 -24.92
C PRO A 64 -15.29 -19.03 -25.04
N THR A 65 -16.09 -19.42 -26.03
CA THR A 65 -16.37 -20.84 -26.38
C THR A 65 -16.08 -21.07 -27.86
N GLU A 66 -16.56 -20.21 -28.76
CA GLU A 66 -16.14 -20.19 -30.19
C GLU A 66 -15.25 -18.97 -30.42
N GLU A 67 -14.14 -19.16 -31.14
CA GLU A 67 -13.15 -18.09 -31.50
C GLU A 67 -12.93 -18.17 -33.00
N SER A 68 -12.61 -17.04 -33.64
CA SER A 68 -12.40 -16.96 -35.11
C SER A 68 -11.41 -15.85 -35.43
N ASN A 69 -10.95 -15.82 -36.69
CA ASN A 69 -9.91 -14.89 -37.21
C ASN A 69 -10.54 -13.73 -37.99
N ILE A 70 -10.06 -12.52 -37.74
CA ILE A 70 -10.22 -11.34 -38.62
C ILE A 70 -8.80 -10.87 -38.98
N THR A 71 -8.39 -11.04 -40.24
CA THR A 71 -7.20 -10.41 -40.87
C THR A 71 -7.55 -8.93 -41.05
N MET A 72 -6.63 -8.00 -40.82
CA MET A 72 -6.79 -6.56 -41.21
C MET A 72 -5.47 -6.01 -41.74
N GLN A 73 -5.54 -4.91 -42.48
CA GLN A 73 -4.36 -4.21 -43.04
C GLN A 73 -3.90 -3.12 -42.07
N ILE A 74 -2.59 -3.09 -41.79
CA ILE A 74 -2.01 -2.31 -40.68
C ILE A 74 -0.71 -1.68 -41.17
N MET A 75 -0.56 -0.37 -41.10
CA MET A 75 0.76 0.22 -41.41
C MET A 75 1.73 -0.28 -40.34
N ARG A 76 2.79 -0.94 -40.78
CA ARG A 76 3.89 -1.49 -39.95
C ARG A 76 5.10 -0.58 -40.15
N ILE A 77 5.54 0.13 -39.11
CA ILE A 77 6.70 1.07 -39.19
C ILE A 77 7.86 0.58 -38.36
N LYS A 78 9.01 0.37 -39.00
CA LYS A 78 10.35 0.37 -38.35
C LYS A 78 10.88 1.81 -38.35
N PRO A 79 10.99 2.49 -37.20
CA PRO A 79 11.18 3.94 -37.24
C PRO A 79 12.47 4.35 -37.99
N HIS A 80 12.45 5.49 -38.68
CA HIS A 80 13.64 6.04 -39.39
C HIS A 80 14.06 5.06 -40.48
N GLN A 81 13.19 4.14 -40.85
CA GLN A 81 13.53 2.99 -41.73
C GLN A 81 12.32 2.68 -42.64
N GLY A 82 12.42 1.63 -43.48
CA GLY A 82 11.30 1.03 -44.25
C GLY A 82 9.98 1.03 -43.48
N GLN A 83 8.87 1.11 -44.23
CA GLN A 83 7.49 1.03 -43.67
C GLN A 83 6.51 0.73 -44.82
N HIS A 84 5.46 -0.05 -44.53
CA HIS A 84 4.65 -0.81 -45.53
C HIS A 84 3.37 -1.26 -44.82
N ILE A 85 2.19 -0.99 -45.39
CA ILE A 85 0.92 -1.69 -45.03
C ILE A 85 1.13 -3.19 -45.26
N GLY A 86 0.58 -4.01 -44.36
CA GLY A 86 0.67 -5.49 -44.38
C GLY A 86 -0.51 -6.09 -43.68
N GLU A 87 -0.76 -7.39 -43.88
CA GLU A 87 -1.91 -8.09 -43.25
C GLU A 87 -1.52 -8.37 -41.78
N MET A 88 -2.49 -8.55 -40.90
CA MET A 88 -2.25 -8.97 -39.49
C MET A 88 -3.51 -9.65 -38.96
N SER A 89 -3.39 -10.87 -38.46
CA SER A 89 -4.55 -11.68 -38.05
C SER A 89 -4.81 -11.54 -36.53
N PHE A 90 -6.07 -11.54 -36.13
CA PHE A 90 -6.49 -11.28 -34.72
C PHE A 90 -7.59 -12.26 -34.31
N LEU A 91 -7.58 -12.66 -33.04
CA LEU A 91 -8.58 -13.56 -32.41
C LEU A 91 -9.80 -12.72 -32.01
N GLN A 92 -11.00 -13.17 -32.41
CA GLN A 92 -12.31 -12.58 -32.06
C GLN A 92 -13.26 -13.64 -31.46
N HIS A 93 -13.85 -13.32 -30.30
CA HIS A 93 -14.74 -14.23 -29.53
C HIS A 93 -16.17 -14.10 -30.02
N ASN A 94 -16.71 -15.14 -30.67
CA ASN A 94 -18.05 -15.14 -31.31
C ASN A 94 -19.12 -15.51 -30.28
N LYS A 95 -18.80 -16.38 -29.35
CA LYS A 95 -19.79 -16.82 -28.36
C LYS A 95 -19.07 -16.91 -27.02
N CYS A 96 -19.69 -16.30 -26.00
CA CYS A 96 -19.24 -16.31 -24.60
C CYS A 96 -20.22 -17.12 -23.73
N GLU A 97 -19.76 -17.58 -22.58
CA GLU A 97 -20.60 -18.20 -21.53
C GLU A 97 -19.92 -18.08 -20.17
N CYS A 98 -20.71 -17.93 -19.11
CA CYS A 98 -20.20 -17.92 -17.72
C CYS A 98 -19.72 -19.31 -17.33
N ARG A 99 -18.51 -19.40 -16.78
CA ARG A 99 -17.90 -20.69 -16.42
C ARG A 99 -17.02 -20.51 -15.19
N PRO A 100 -16.90 -21.57 -14.36
CA PRO A 100 -16.16 -21.51 -13.10
C PRO A 100 -14.70 -21.06 -13.14
N LYS A 101 -14.21 -20.28 -12.18
CA LYS A 101 -12.80 -19.81 -12.10
C LYS A 101 -11.82 -20.91 -11.63
N LYS A 102 -10.53 -20.70 -11.95
CA LYS A 102 -9.35 -21.52 -11.56
C LYS A 102 -8.13 -20.87 -12.23
N HIS B 5 -13.10 -16.74 -46.03
CA HIS B 5 -14.48 -16.73 -45.44
C HIS B 5 -15.00 -15.30 -45.42
N HIS B 6 -14.42 -14.52 -44.52
CA HIS B 6 -14.77 -13.10 -44.34
C HIS B 6 -13.65 -12.22 -44.86
N GLU B 7 -14.01 -11.19 -45.64
CA GLU B 7 -13.03 -10.29 -46.29
C GLU B 7 -12.22 -9.59 -45.18
N VAL B 8 -10.99 -9.21 -45.54
CA VAL B 8 -10.04 -8.38 -44.75
C VAL B 8 -10.65 -7.00 -44.50
N VAL B 9 -10.42 -6.43 -43.31
CA VAL B 9 -10.96 -5.08 -42.96
C VAL B 9 -10.01 -4.04 -43.55
N LYS B 10 -10.57 -3.23 -44.45
CA LYS B 10 -9.82 -2.24 -45.26
C LYS B 10 -9.27 -1.15 -44.32
N PHE B 11 -8.05 -0.66 -44.57
CA PHE B 11 -7.32 0.31 -43.70
C PHE B 11 -8.24 1.47 -43.34
N MET B 12 -8.69 2.24 -44.34
CA MET B 12 -9.69 3.32 -44.11
C MET B 12 -10.57 2.96 -42.90
N ASP B 13 -11.23 1.81 -42.95
CA ASP B 13 -12.30 1.41 -41.98
C ASP B 13 -11.69 1.04 -40.63
N VAL B 14 -10.43 0.59 -40.59
CA VAL B 14 -9.67 0.42 -39.32
C VAL B 14 -9.52 1.79 -38.65
N TYR B 15 -8.56 2.61 -39.11
CA TYR B 15 -8.35 4.01 -38.67
C TYR B 15 -9.71 4.62 -38.24
N GLN B 16 -10.66 4.79 -39.16
CA GLN B 16 -11.95 5.43 -38.82
C GLN B 16 -12.48 4.86 -37.50
N ARG B 17 -12.44 3.55 -37.34
CA ARG B 17 -13.15 2.81 -36.26
C ARG B 17 -12.31 2.77 -34.99
N SER B 18 -10.98 2.84 -35.13
CA SER B 18 -10.04 2.84 -33.98
C SER B 18 -10.00 4.24 -33.36
N TYR B 19 -9.90 5.30 -34.17
CA TYR B 19 -9.60 6.68 -33.71
C TYR B 19 -10.31 6.98 -32.37
N CYS B 20 -9.51 7.46 -31.42
CA CYS B 20 -9.93 8.02 -30.10
C CYS B 20 -11.39 8.56 -30.06
N HIS B 21 -12.36 7.74 -29.70
CA HIS B 21 -13.77 8.16 -29.47
C HIS B 21 -14.28 7.54 -28.17
N PRO B 22 -15.41 8.04 -27.60
CA PRO B 22 -16.11 7.31 -26.55
C PRO B 22 -16.64 6.00 -27.12
N ILE B 23 -16.52 4.91 -26.34
CA ILE B 23 -17.03 3.55 -26.66
C ILE B 23 -17.63 2.93 -25.39
N GLU B 24 -18.85 2.34 -25.46
CA GLU B 24 -19.44 1.58 -24.32
C GLU B 24 -18.42 0.52 -23.92
N THR B 25 -17.95 0.57 -22.66
CA THR B 25 -16.93 -0.36 -22.05
C THR B 25 -17.43 -0.84 -20.67
N LEU B 26 -17.19 -2.10 -20.33
CA LEU B 26 -17.78 -2.73 -19.12
C LEU B 26 -16.86 -2.55 -17.91
N VAL B 27 -17.30 -1.95 -16.80
CA VAL B 27 -16.40 -1.61 -15.66
C VAL B 27 -16.79 -2.27 -14.35
N ASP B 28 -15.88 -3.02 -13.73
CA ASP B 28 -16.14 -3.65 -12.42
C ASP B 28 -16.42 -2.56 -11.39
N ILE B 29 -17.50 -2.72 -10.65
CA ILE B 29 -17.93 -1.73 -9.63
C ILE B 29 -16.82 -1.65 -8.59
N PHE B 30 -16.28 -2.79 -8.18
CA PHE B 30 -15.26 -2.85 -7.10
C PHE B 30 -13.93 -2.20 -7.51
N GLN B 31 -13.55 -2.18 -8.80
CA GLN B 31 -12.41 -1.35 -9.26
C GLN B 31 -12.82 0.14 -9.11
N GLU B 32 -13.91 0.55 -9.74
CA GLU B 32 -14.33 1.99 -9.72
C GLU B 32 -14.49 2.45 -8.27
N TYR B 33 -15.19 1.68 -7.43
CA TYR B 33 -15.34 1.96 -5.97
C TYR B 33 -14.57 0.91 -5.16
N PRO B 34 -13.29 1.14 -4.82
CA PRO B 34 -12.53 0.16 -4.05
C PRO B 34 -12.72 0.25 -2.53
N ASP B 35 -13.53 1.19 -2.06
CA ASP B 35 -13.72 1.42 -0.60
C ASP B 35 -14.92 0.58 -0.13
N GLU B 36 -15.48 -0.22 -1.05
CA GLU B 36 -16.74 -0.95 -0.85
C GLU B 36 -16.46 -2.43 -0.60
N ILE B 37 -15.70 -2.69 0.49
CA ILE B 37 -15.03 -4.00 0.73
C ILE B 37 -16.08 -4.98 1.27
N GLU B 38 -17.08 -4.49 2.01
CA GLU B 38 -18.04 -5.38 2.75
C GLU B 38 -19.16 -5.84 1.80
N TYR B 39 -19.23 -5.28 0.57
CA TYR B 39 -20.22 -5.67 -0.47
C TYR B 39 -19.62 -6.35 -1.72
N ILE B 40 -20.44 -7.31 -2.19
CA ILE B 40 -20.50 -7.80 -3.60
C ILE B 40 -21.53 -6.90 -4.26
N PHE B 41 -21.64 -6.94 -5.58
CA PHE B 41 -22.65 -6.17 -6.34
C PHE B 41 -23.18 -7.11 -7.42
N LYS B 42 -24.43 -6.95 -7.82
CA LYS B 42 -25.07 -7.63 -8.97
C LYS B 42 -25.72 -6.53 -9.80
N PRO B 43 -25.26 -6.27 -11.05
CA PRO B 43 -24.15 -6.99 -11.63
C PRO B 43 -22.83 -6.65 -10.95
N SER B 44 -21.73 -7.33 -11.40
CA SER B 44 -20.33 -7.22 -10.89
C SER B 44 -19.67 -5.92 -11.42
N CYS B 45 -20.39 -5.17 -12.26
CA CYS B 45 -19.87 -4.71 -13.57
C CYS B 45 -20.97 -3.97 -14.35
N VAL B 46 -20.64 -2.87 -15.03
CA VAL B 46 -21.66 -1.97 -15.65
C VAL B 46 -21.14 -1.39 -16.97
N PRO B 47 -22.05 -1.00 -17.88
CA PRO B 47 -21.68 -0.46 -19.17
C PRO B 47 -21.58 1.05 -19.02
N LEU B 48 -20.37 1.56 -19.28
CA LEU B 48 -20.04 3.00 -19.18
C LEU B 48 -19.31 3.40 -20.46
N MET B 49 -19.76 4.52 -21.01
CA MET B 49 -19.11 5.23 -22.12
C MET B 49 -17.76 5.72 -21.58
N ARG B 50 -16.68 5.34 -22.25
CA ARG B 50 -15.29 5.61 -21.79
C ARG B 50 -14.39 5.80 -23.02
N CYS B 51 -13.50 6.78 -22.98
CA CYS B 51 -12.54 7.08 -24.07
C CYS B 51 -11.72 5.82 -24.33
N GLY B 52 -11.59 5.45 -25.61
CA GLY B 52 -10.76 4.34 -26.11
C GLY B 52 -10.30 4.62 -27.53
N GLY B 53 -9.10 4.17 -27.91
CA GLY B 53 -8.68 4.09 -29.31
C GLY B 53 -7.32 4.73 -29.58
N CYS B 54 -6.73 4.36 -30.73
CA CYS B 54 -5.49 4.88 -31.37
C CYS B 54 -5.39 6.40 -31.32
N CYS B 55 -4.15 6.91 -31.35
CA CYS B 55 -3.86 8.27 -31.84
C CYS B 55 -2.83 8.19 -32.97
N ASN B 56 -2.89 9.17 -33.89
CA ASN B 56 -2.05 9.29 -35.11
C ASN B 56 -0.58 9.11 -34.72
N ASP B 57 -0.16 9.72 -33.61
CA ASP B 57 1.26 9.79 -33.20
C ASP B 57 1.40 9.08 -31.87
N GLU B 58 2.46 8.29 -31.68
CA GLU B 58 2.75 7.61 -30.40
C GLU B 58 2.99 8.66 -29.29
N GLY B 59 3.19 9.94 -29.66
CA GLY B 59 3.33 11.05 -28.69
C GLY B 59 2.02 11.38 -28.01
N LEU B 60 0.91 11.35 -28.75
CA LEU B 60 -0.42 11.72 -28.21
C LEU B 60 -1.00 10.56 -27.39
N GLU B 61 -2.08 10.82 -26.66
CA GLU B 61 -2.85 9.82 -25.86
C GLU B 61 -4.31 10.28 -25.82
N CYS B 62 -5.22 9.33 -25.72
CA CYS B 62 -6.65 9.59 -26.03
C CYS B 62 -7.38 9.87 -24.73
N VAL B 63 -7.91 11.08 -24.52
CA VAL B 63 -8.33 11.52 -23.15
C VAL B 63 -9.71 12.17 -23.17
N PRO B 64 -10.43 12.14 -22.02
CA PRO B 64 -11.71 12.82 -21.92
C PRO B 64 -11.59 14.35 -21.98
N THR B 65 -12.65 15.06 -22.36
CA THR B 65 -12.77 16.54 -22.26
C THR B 65 -14.03 16.91 -21.47
N GLU B 66 -15.19 16.33 -21.84
CA GLU B 66 -16.46 16.43 -21.09
C GLU B 66 -16.71 15.11 -20.34
N GLU B 67 -17.10 15.22 -19.08
CA GLU B 67 -17.35 14.06 -18.16
C GLU B 67 -18.71 14.30 -17.51
N SER B 68 -19.42 13.23 -17.16
CA SER B 68 -20.76 13.31 -16.54
C SER B 68 -21.02 12.10 -15.63
N ASN B 69 -22.04 12.24 -14.78
CA ASN B 69 -22.54 11.21 -13.83
C ASN B 69 -23.82 10.57 -14.36
N ILE B 70 -23.90 9.24 -14.28
CA ILE B 70 -25.08 8.43 -14.71
C ILE B 70 -25.45 7.52 -13.56
N THR B 71 -26.60 7.74 -12.90
CA THR B 71 -27.09 6.94 -11.76
C THR B 71 -27.68 5.64 -12.31
N MET B 72 -27.45 4.50 -11.66
CA MET B 72 -27.97 3.16 -12.06
C MET B 72 -28.33 2.36 -10.80
N GLN B 73 -29.27 1.41 -10.94
CA GLN B 73 -29.73 0.60 -9.78
C GLN B 73 -28.93 -0.70 -9.71
N ILE B 74 -28.42 -1.03 -8.52
CA ILE B 74 -27.41 -2.10 -8.33
C ILE B 74 -27.77 -2.90 -7.09
N MET B 75 -27.96 -4.21 -7.21
CA MET B 75 -28.14 -5.05 -6.01
C MET B 75 -26.83 -4.99 -5.23
N ARG B 76 -26.92 -4.56 -3.97
CA ARG B 76 -25.80 -4.46 -3.01
C ARG B 76 -25.97 -5.60 -2.00
N ILE B 77 -25.03 -6.55 -1.97
CA ILE B 77 -25.08 -7.74 -1.06
C ILE B 77 -23.97 -7.69 -0.03
N LYS B 78 -24.34 -7.75 1.24
CA LYS B 78 -23.49 -8.23 2.38
C LYS B 78 -23.70 -9.72 2.55
N PRO B 79 -22.73 -10.59 2.24
CA PRO B 79 -23.06 -12.02 2.14
C PRO B 79 -23.54 -12.58 3.50
N HIS B 80 -24.35 -13.63 3.44
CA HIS B 80 -24.94 -14.31 4.62
C HIS B 80 -25.83 -13.33 5.38
N GLN B 81 -26.21 -12.26 4.71
CA GLN B 81 -26.93 -11.14 5.35
C GLN B 81 -27.88 -10.50 4.33
N GLY B 82 -28.03 -11.08 3.12
CA GLY B 82 -28.80 -10.54 1.98
C GLY B 82 -28.62 -9.01 1.83
N GLN B 83 -29.62 -8.26 1.37
CA GLN B 83 -29.30 -7.16 0.41
C GLN B 83 -30.38 -6.08 0.32
N HIS B 84 -30.23 -5.22 -0.69
CA HIS B 84 -31.09 -4.08 -1.06
C HIS B 84 -30.60 -3.62 -2.44
N ILE B 85 -31.46 -3.54 -3.48
CA ILE B 85 -31.16 -2.71 -4.67
C ILE B 85 -31.10 -1.26 -4.20
N GLY B 86 -30.19 -0.47 -4.78
CA GLY B 86 -30.05 0.96 -4.48
C GLY B 86 -29.44 1.68 -5.64
N GLU B 87 -29.48 3.00 -5.62
CA GLU B 87 -28.93 3.84 -6.71
C GLU B 87 -27.40 3.87 -6.54
N MET B 88 -26.66 4.13 -7.61
CA MET B 88 -25.18 4.29 -7.57
C MET B 88 -24.75 5.14 -8.76
N SER B 89 -24.02 6.23 -8.55
CA SER B 89 -23.59 7.09 -9.68
C SER B 89 -22.20 6.69 -10.21
N PHE B 90 -22.02 6.89 -11.52
CA PHE B 90 -20.83 6.44 -12.28
C PHE B 90 -20.30 7.53 -13.21
N LEU B 91 -18.99 7.54 -13.43
CA LEU B 91 -18.32 8.54 -14.29
C LEU B 91 -18.36 8.04 -15.73
N GLN B 92 -18.77 8.90 -16.67
CA GLN B 92 -18.89 8.63 -18.12
C GLN B 92 -18.22 9.73 -18.95
N HIS B 93 -17.37 9.36 -19.91
CA HIS B 93 -16.71 10.29 -20.85
C HIS B 93 -17.57 10.55 -22.07
N ASN B 94 -18.10 11.78 -22.21
CA ASN B 94 -19.04 12.18 -23.30
C ASN B 94 -18.27 12.60 -24.55
N LYS B 95 -17.14 13.25 -24.39
CA LYS B 95 -16.38 13.75 -25.56
C LYS B 95 -14.90 13.49 -25.29
N CYS B 96 -14.24 12.89 -26.28
CA CYS B 96 -12.81 12.53 -26.24
C CYS B 96 -12.06 13.34 -27.31
N GLU B 97 -10.74 13.49 -27.17
CA GLU B 97 -9.84 13.88 -28.29
C GLU B 97 -8.39 13.52 -27.97
N CYS B 98 -7.59 13.27 -29.01
CA CYS B 98 -6.14 12.96 -28.89
C CYS B 98 -5.39 14.20 -28.40
N ARG B 99 -4.57 14.06 -27.36
CA ARG B 99 -3.83 15.20 -26.75
C ARG B 99 -2.48 14.69 -26.22
N PRO B 100 -1.46 15.55 -26.16
CA PRO B 100 -0.10 15.13 -25.78
C PRO B 100 0.06 14.48 -24.40
N LYS B 101 0.88 13.44 -24.25
CA LYS B 101 1.13 12.82 -22.91
C LYS B 101 2.31 13.58 -22.27
N LYS B 102 2.12 14.15 -21.07
CA LYS B 102 3.21 14.66 -20.20
C LYS B 102 3.78 13.49 -19.38
N ASP B 103 2.95 12.44 -19.17
CA ASP B 103 3.21 11.19 -18.39
C ASP B 103 4.62 10.64 -18.69
N DPN C 5 -20.33 -20.68 10.68
CA DPN C 5 -20.76 -20.00 9.41
C DPN C 5 -19.92 -20.59 8.27
O DPN C 5 -18.78 -20.95 8.50
CB DPN C 5 -22.28 -20.11 9.23
CG DPN C 5 -22.99 -21.08 10.15
CD1 DPN C 5 -23.25 -20.73 11.46
CD2 DPN C 5 -23.41 -22.32 9.70
CE1 DPN C 5 -23.91 -21.61 12.31
CE2 DPN C 5 -24.06 -23.21 10.55
CZ DPN C 5 -24.31 -22.86 11.85
N DSG C 6 -20.46 -20.65 7.04
CA DSG C 6 -20.10 -21.71 6.10
C DSG C 6 -18.81 -21.36 5.36
O DSG C 6 -18.15 -20.37 5.66
CB DSG C 6 -20.04 -23.09 6.82
CG DSG C 6 -21.04 -24.10 6.33
OD1 DSG C 6 -20.70 -24.99 5.55
ND2 DSG C 6 -22.27 -24.00 6.81
N DLY C 7 -18.41 -22.28 4.45
CA DLY C 7 -17.45 -22.05 3.38
C DLY C 7 -16.05 -21.84 3.91
O DLY C 7 -15.15 -21.47 3.15
CB DLY C 7 -17.44 -23.28 2.46
CG DLY C 7 -16.76 -23.12 1.10
CD DLY C 7 -16.42 -24.47 0.46
CE DLY C 7 -15.85 -24.40 -0.96
NZ DLY C 7 -14.94 -25.54 -1.26
N DGL C 8 -15.87 -22.19 5.18
CA DGL C 8 -14.74 -21.77 5.99
C DGL C 8 -14.41 -20.31 5.68
O DGL C 8 -13.38 -19.99 5.08
CB DGL C 8 -15.13 -21.98 7.46
CG DGL C 8 -14.15 -22.77 8.34
CD DGL C 8 -12.83 -23.27 7.75
OE1 DGL C 8 -11.76 -22.91 8.25
OE2 DGL C 8 -12.91 -24.10 6.82
N DTR C 9 -15.33 -19.42 6.09
CA DTR C 9 -15.11 -17.98 6.14
CB DTR C 9 -15.96 -17.39 7.30
CG DTR C 9 -16.94 -16.27 7.07
CD1 DTR C 9 -16.72 -15.07 6.44
NE1 DTR C 9 -17.87 -14.32 6.46
CE2 DTR C 9 -18.83 -15.00 7.14
CZ2 DTR C 9 -20.16 -14.66 7.42
CH2 DTR C 9 -20.92 -15.57 8.13
CZ3 DTR C 9 -20.39 -16.79 8.53
CE3 DTR C 9 -19.08 -17.13 8.26
CD2 DTR C 9 -18.28 -16.23 7.55
C DTR C 9 -15.31 -17.37 4.76
O DTR C 9 -14.75 -16.32 4.43
N DAS C 10 -16.01 -18.10 3.90
CA DAS C 10 -16.17 -17.66 2.51
C DAS C 10 -14.79 -17.38 1.92
O DAS C 10 -14.58 -16.37 1.25
CB DAS C 10 -16.92 -18.68 1.66
CG DAS C 10 -18.38 -18.33 1.49
OD1 DAS C 10 -19.17 -18.84 2.29
OD2 DAS C 10 -18.68 -17.52 0.61
N DSG C 11 -13.82 -18.27 2.23
CA DSG C 11 -12.48 -18.07 1.72
C DSG C 11 -11.79 -16.95 2.51
O DSG C 11 -11.12 -16.12 1.90
CB DSG C 11 -11.63 -19.35 1.68
CG DSG C 11 -10.36 -19.16 0.86
OD1 DSG C 11 -10.43 -18.65 -0.25
ND2 DSG C 11 -9.21 -19.53 1.42
N DAL C 12 -11.98 -16.91 3.84
CA DAL C 12 -11.33 -15.89 4.62
CB DAL C 12 -11.61 -16.11 6.10
C DAL C 12 -11.76 -14.51 4.13
O DAL C 12 -10.97 -13.58 4.08
N DTR C 13 -13.03 -14.41 3.72
CA DTR C 13 -13.60 -13.14 3.28
CB DTR C 13 -15.10 -13.30 3.02
CG DTR C 13 -15.78 -11.96 2.94
CD1 DTR C 13 -15.82 -11.01 3.91
NE1 DTR C 13 -16.52 -9.93 3.48
CE2 DTR C 13 -16.93 -10.16 2.20
CZ2 DTR C 13 -17.69 -9.37 1.36
CH2 DTR C 13 -17.95 -9.88 0.10
CZ3 DTR C 13 -17.50 -11.14 -0.30
CE3 DTR C 13 -16.79 -11.93 0.57
CD2 DTR C 13 -16.48 -11.44 1.83
C DTR C 13 -12.93 -12.63 2.03
O DTR C 13 -12.38 -11.53 2.02
N DAR C 14 -13.04 -13.41 0.96
CA DAR C 14 -12.44 -13.06 -0.32
CB DAR C 14 -12.68 -14.18 -1.34
CG DAR C 14 -13.94 -13.97 -2.19
CD DAR C 14 -14.09 -15.05 -3.29
NE DAR C 14 -13.62 -16.37 -2.89
CZ DAR C 14 -12.38 -16.84 -3.12
NH1 DAR C 14 -11.96 -17.04 -4.37
NH2 DAR C 14 -11.57 -17.13 -2.11
C DAR C 14 -10.96 -12.74 -0.08
O DAR C 14 -10.48 -11.71 -0.54
N DGL C 15 -10.28 -13.61 0.69
CA DGL C 15 -8.87 -13.43 1.00
C DGL C 15 -8.65 -12.02 1.57
O DGL C 15 -7.96 -11.20 0.94
CB DGL C 15 -8.39 -14.48 1.99
CG DGL C 15 -7.95 -15.79 1.32
CD DGL C 15 -6.45 -16.05 1.38
OE1 DGL C 15 -6.04 -17.23 1.65
OE2 DGL C 15 -5.68 -15.08 1.13
N DIL C 16 -9.26 -11.75 2.75
CA DIL C 16 -8.95 -10.57 3.53
C DIL C 16 -9.17 -9.32 2.66
O DIL C 16 -8.41 -8.36 2.69
CB DIL C 16 -9.76 -10.53 4.83
CG1 DIL C 16 -9.15 -11.43 5.91
CG2 DIL C 16 -9.92 -9.10 5.37
CD1 DIL C 16 -10.17 -11.96 6.90
N DAR C 17 -10.23 -9.34 1.88
CA DAR C 17 -10.56 -8.22 1.01
CB DAR C 17 -11.74 -8.63 0.15
CG DAR C 17 -13.08 -8.08 0.61
CD DAR C 17 -13.77 -7.74 -0.67
NE DAR C 17 -14.91 -8.58 -0.96
CZ DAR C 17 -15.71 -8.32 -1.97
NH1 DAR C 17 -16.83 -9.01 -2.09
NH2 DAR C 17 -15.40 -7.36 -2.85
C DAR C 17 -9.34 -7.81 0.17
O DAR C 17 -8.99 -6.63 0.16
N DHI C 18 -8.69 -8.80 -0.48
CA DHI C 18 -7.70 -8.51 -1.52
C DHI C 18 -6.26 -8.32 -1.00
O DHI C 18 -5.42 -7.92 -1.78
CB DHI C 18 -7.79 -9.55 -2.64
CG DHI C 18 -8.77 -9.13 -3.68
ND1 DHI C 18 -9.99 -9.77 -3.86
CD2 DHI C 18 -8.74 -8.11 -4.57
CE1 DHI C 18 -10.75 -9.03 -4.64
NE2 DHI C 18 -9.96 -8.10 -5.22
N DLE C 19 -5.98 -8.53 0.29
CA DLE C 19 -4.64 -8.29 0.84
CB DLE C 19 -4.64 -8.39 2.37
CG DLE C 19 -4.93 -9.74 3.03
CD1 DLE C 19 -4.96 -10.89 2.05
CD2 DLE C 19 -3.93 -9.99 4.16
C DLE C 19 -4.19 -6.87 0.48
O DLE C 19 -4.81 -5.92 0.92
N DPR C 20 -3.08 -6.67 -0.24
CA DPR C 20 -2.70 -5.36 -0.76
CB DPR C 20 -1.70 -5.74 -1.86
CG DPR C 20 -1.05 -6.95 -1.27
CD DPR C 20 -2.21 -7.75 -0.76
C DPR C 20 -2.02 -4.29 0.09
O DPR C 20 -2.02 -3.13 -0.35
N DSG C 21 -1.44 -4.66 1.25
CA DSG C 21 -0.74 -3.72 2.12
C DSG C 21 -1.62 -3.23 3.28
O DSG C 21 -1.27 -2.26 3.98
CB DSG C 21 0.52 -4.33 2.72
CG DSG C 21 1.47 -4.81 1.66
OD1 DSG C 21 1.64 -4.11 0.66
ND2 DSG C 21 2.07 -5.97 1.86
N DLE C 22 -2.74 -3.95 3.50
CA DLE C 22 -3.72 -3.65 4.54
CB DLE C 22 -4.72 -4.80 4.64
CG DLE C 22 -4.27 -5.99 5.46
CD1 DLE C 22 -3.63 -5.56 6.77
CD2 DLE C 22 -5.42 -6.92 5.73
C DLE C 22 -4.44 -2.38 4.14
O DLE C 22 -5.01 -2.32 3.05
N DSG C 23 -4.42 -1.41 5.06
CA DSG C 23 -5.19 -0.19 4.91
C DSG C 23 -6.69 -0.54 4.92
O DSG C 23 -7.10 -1.47 5.61
CB DSG C 23 -4.85 0.77 6.04
CG DSG C 23 -3.43 1.28 6.06
OD1 DSG C 23 -3.16 2.40 5.60
ND2 DSG C 23 -2.54 0.55 6.71
N DLE C 24 -7.49 0.26 4.20
CA DLE C 24 -8.92 0.01 4.02
CB DLE C 24 -9.60 1.25 3.42
CG DLE C 24 -10.84 0.97 2.57
CD1 DLE C 24 -11.93 0.28 3.37
CD2 DLE C 24 -11.34 2.24 1.93
C DLE C 24 -9.61 -0.34 5.34
O DLE C 24 -10.32 -1.35 5.42
N DGL C 25 -9.47 0.54 6.32
CA DGL C 25 -10.23 0.38 7.55
C DGL C 25 -9.97 -1.02 8.10
O DGL C 25 -10.91 -1.71 8.51
CB DGL C 25 -9.87 1.51 8.51
CG DGL C 25 -10.65 2.80 8.27
CD DGL C 25 -12.15 2.63 8.08
OE1 DGL C 25 -12.86 2.47 9.12
OE2 DGL C 25 -12.61 2.62 6.91
N DGN C 26 -8.69 -1.43 8.05
CA DGN C 26 -8.24 -2.71 8.58
C DGN C 26 -9.09 -3.80 7.93
O DGN C 26 -9.79 -4.51 8.66
CB DGN C 26 -6.75 -2.94 8.31
CG DGN C 26 -5.79 -2.45 9.41
CD DGN C 26 -4.37 -2.16 8.95
OE1 DGN C 26 -4.06 -2.06 7.75
NE2 DGN C 26 -3.48 -1.96 9.92
N DLY C 27 -9.09 -3.85 6.59
CA DLY C 27 -9.88 -4.86 5.88
C DLY C 27 -11.33 -4.90 6.41
O DLY C 27 -11.98 -5.97 6.46
CB DLY C 27 -9.98 -4.59 4.37
CG DLY C 27 -8.72 -4.24 3.58
CD DLY C 27 -8.76 -4.77 2.14
CE DLY C 27 -7.48 -4.50 1.41
NZ DLY C 27 -7.37 -3.10 0.96
N DAR C 28 -11.87 -3.74 6.79
CA DAR C 28 -13.18 -3.71 7.42
CB DAR C 28 -13.72 -2.30 7.54
CG DAR C 28 -15.23 -2.24 7.67
CD DAR C 28 -15.68 -0.78 7.77
NE DAR C 28 -15.78 -0.28 6.41
CZ DAR C 28 -15.14 0.79 5.96
NH1 DAR C 28 -15.16 1.05 4.66
NH2 DAR C 28 -14.52 1.55 6.85
C DAR C 28 -13.11 -4.31 8.82
O DAR C 28 -13.96 -5.13 9.18
N DAL C 29 -12.14 -3.87 9.62
CA DAL C 29 -12.09 -4.35 10.99
CB DAL C 29 -10.91 -3.75 11.69
C DAL C 29 -12.08 -5.88 11.04
O DAL C 29 -12.74 -6.47 11.88
N DPN C 30 -11.39 -6.53 10.10
CA DPN C 30 -11.37 -7.99 10.05
C DPN C 30 -12.76 -8.54 9.77
O DPN C 30 -13.33 -9.37 10.52
CB DPN C 30 -10.31 -8.49 9.07
CG DPN C 30 -8.91 -8.53 9.66
CD1 DPN C 30 -8.57 -9.48 10.60
CD2 DPN C 30 -7.97 -7.55 9.34
CE1 DPN C 30 -7.30 -9.48 11.17
CE2 DPN C 30 -6.75 -7.53 9.98
CZ DPN C 30 -6.40 -8.51 10.87
N DIL C 31 -13.32 -8.04 8.66
CA DIL C 31 -14.62 -8.48 8.17
C DIL C 31 -15.72 -8.36 9.26
O DIL C 31 -16.67 -9.15 9.34
CB DIL C 31 -15.01 -7.70 6.93
CG1 DIL C 31 -13.88 -7.52 5.92
CG2 DIL C 31 -16.24 -8.37 6.33
CD1 DIL C 31 -14.36 -7.47 4.45
N DSN C 32 -15.62 -7.32 10.10
CA DSN C 32 -16.57 -7.19 11.19
C DSN C 32 -16.34 -8.32 12.17
O DSN C 32 -17.26 -8.99 12.55
CB DSN C 32 -16.47 -5.85 11.80
OG DSN C 32 -17.14 -4.94 10.91
N DSN C 33 -15.06 -8.55 12.51
CA DSN C 33 -14.69 -9.67 13.38
C DSN C 33 -15.23 -10.98 12.81
O DSN C 33 -15.78 -11.77 13.58
CB DSN C 33 -13.21 -9.74 13.59
OG DSN C 33 -12.81 -8.72 14.48
N DLE C 34 -15.12 -11.15 11.47
CA DLE C 34 -15.60 -12.34 10.77
CB DLE C 34 -15.34 -12.13 9.28
CG DLE C 34 -14.47 -13.14 8.54
CD1 DLE C 34 -13.32 -12.49 7.77
CD2 DLE C 34 -13.90 -14.24 9.45
C DLE C 34 -17.09 -12.64 11.01
O DLE C 34 -17.48 -13.82 10.95
N DTY C 35 -17.93 -11.61 11.25
CA DTY C 35 -19.37 -11.74 11.40
C DTY C 35 -19.69 -11.98 12.88
O DTY C 35 -20.66 -12.64 13.25
CB DTY C 35 -20.16 -10.52 10.87
CG DTY C 35 -20.38 -10.44 9.39
CD1 DTY C 35 -19.50 -9.75 8.56
CD2 DTY C 35 -21.43 -11.11 8.77
CE1 DTY C 35 -19.64 -9.73 7.18
CE2 DTY C 35 -21.58 -11.11 7.38
CZ DTY C 35 -20.68 -10.41 6.60
OH DTY C 35 -20.79 -10.35 5.24
N DAS C 36 -18.85 -11.39 13.73
CA DAS C 36 -18.69 -11.90 15.07
C DAS C 36 -17.68 -13.05 14.96
O DAS C 36 -16.85 -13.10 14.06
CB DAS C 36 -18.15 -10.86 16.04
CG DAS C 36 -19.02 -9.63 16.10
OD1 DAS C 36 -18.48 -8.51 16.22
OD2 DAS C 36 -20.24 -9.81 16.00
N DAS C 37 -17.78 -13.99 15.91
CA DAS C 37 -16.86 -15.10 15.98
C DAS C 37 -16.63 -15.69 14.59
O DAS C 37 -15.50 -15.74 14.13
CB DAS C 37 -15.54 -14.62 16.62
CG DAS C 37 -15.61 -13.30 17.39
OD1 DAS C 37 -14.86 -12.35 17.01
OD2 DAS C 37 -16.41 -13.20 18.35
N DPR C 38 -17.65 -16.22 13.87
CA DPR C 38 -17.41 -16.79 12.54
CB DPR C 38 -18.81 -17.02 11.95
CG DPR C 38 -19.76 -17.01 13.15
CD DPR C 38 -19.06 -16.30 14.28
C DPR C 38 -16.54 -18.05 12.60
O DPR C 38 -15.57 -18.19 11.85
N DSN C 39 -16.87 -18.97 13.52
CA DSN C 39 -15.90 -19.97 13.96
C DSN C 39 -14.70 -19.19 14.47
O DSN C 39 -14.88 -18.29 15.26
CB DSN C 39 -16.47 -20.87 15.00
OG DSN C 39 -16.79 -20.15 16.18
N DGN C 40 -13.52 -19.52 13.96
CA DGN C 40 -12.34 -18.64 14.02
C DGN C 40 -12.27 -17.77 12.77
O DGN C 40 -11.72 -16.69 12.79
CB DGN C 40 -12.28 -17.71 15.25
CG DGN C 40 -12.30 -18.39 16.62
CD DGN C 40 -11.89 -17.41 17.70
OE1 DGN C 40 -12.32 -16.25 17.71
NE2 DGN C 40 -11.04 -17.85 18.63
N DSN C 41 -12.76 -18.30 11.65
CA DSN C 41 -12.46 -17.80 10.31
C DSN C 41 -10.95 -17.77 10.04
O DSN C 41 -10.34 -16.70 9.96
CB DSN C 41 -13.19 -18.64 9.28
OG DSN C 41 -14.38 -19.23 9.82
N DAL C 42 -10.36 -18.98 9.95
CA DAL C 42 -8.94 -19.16 9.62
CB DAL C 42 -8.57 -20.63 9.61
C DAL C 42 -8.04 -18.40 10.59
O DAL C 42 -6.99 -17.88 10.21
N DSG C 43 -8.46 -18.41 11.87
CA DSG C 43 -7.85 -17.58 12.90
C DSG C 43 -7.49 -16.19 12.35
O DSG C 43 -6.30 -15.83 12.33
CB DSG C 43 -8.82 -17.46 14.09
CG DSG C 43 -8.22 -17.87 15.42
OD1 DSG C 43 -7.14 -17.39 15.79
ND2 DSG C 43 -8.95 -18.73 16.14
N DLE C 44 -8.52 -15.43 11.91
CA DLE C 44 -8.37 -14.00 11.63
CB DLE C 44 -9.75 -13.31 11.64
CG DLE C 44 -10.64 -13.58 12.86
CD1 DLE C 44 -10.47 -12.52 13.94
CD2 DLE C 44 -12.07 -13.62 12.42
C DLE C 44 -7.68 -13.78 10.30
O DLE C 44 -6.91 -12.82 10.12
N DLE C 45 -7.96 -14.72 9.38
CA DLE C 45 -7.18 -14.88 8.17
CB DLE C 45 -7.46 -16.24 7.53
CG DLE C 45 -7.59 -16.19 6.01
CD1 DLE C 45 -6.46 -15.38 5.38
CD2 DLE C 45 -7.67 -17.60 5.40
C DLE C 45 -5.68 -14.74 8.44
O DLE C 45 -5.00 -13.90 7.84
N DAL C 46 -5.18 -15.59 9.34
CA DAL C 46 -3.75 -15.66 9.59
CB DAL C 46 -3.48 -16.69 10.66
C DAL C 46 -3.21 -14.28 10.00
O DAL C 46 -2.13 -13.87 9.52
N DGL C 47 -3.98 -13.59 10.87
CA DGL C 47 -3.50 -12.43 11.58
C DGL C 47 -3.51 -11.24 10.63
O DGL C 47 -2.79 -10.25 10.85
CB DGL C 47 -4.33 -12.20 12.84
CG DGL C 47 -5.17 -13.40 13.26
CD DGL C 47 -5.86 -13.17 14.60
OE1 DGL C 47 -5.20 -12.58 15.49
OE2 DGL C 47 -7.07 -13.52 14.76
N DAL C 48 -4.31 -11.35 9.56
CA DAL C 48 -4.29 -10.33 8.52
CB DAL C 48 -5.53 -10.47 7.69
C DAL C 48 -3.03 -10.48 7.68
O DAL C 48 -2.19 -9.57 7.58
N DLY C 49 -2.87 -11.67 7.09
CA DLY C 49 -1.69 -11.97 6.31
C DLY C 49 -0.44 -11.50 7.04
O DLY C 49 0.46 -10.89 6.44
CB DLY C 49 -1.63 -13.46 6.06
CG DLY C 49 -2.73 -14.05 5.19
CD DLY C 49 -2.37 -15.43 4.70
CE DLY C 49 -3.40 -16.00 3.75
NZ DLY C 49 -3.81 -17.36 4.17
N DLY C 50 -0.40 -11.76 8.36
CA DLY C 50 0.74 -11.36 9.15
C DLY C 50 0.84 -9.84 9.09
O DLY C 50 1.93 -9.29 8.85
CB DLY C 50 0.64 -11.90 10.58
CG DLY C 50 1.69 -11.39 11.56
CD DLY C 50 3.15 -11.81 11.28
CE DLY C 50 4.16 -10.77 11.76
NZ DLY C 50 4.21 -10.67 13.25
N DLE C 51 -0.30 -9.17 9.27
CA DLE C 51 -0.36 -7.72 9.31
CB DLE C 51 -1.78 -7.33 9.78
CG DLE C 51 -1.96 -5.98 10.47
CD1 DLE C 51 -1.39 -6.02 11.89
CD2 DLE C 51 -1.36 -4.82 9.67
C DLE C 51 -0.05 -7.16 7.92
O DLE C 51 0.57 -6.08 7.79
N DSG C 52 -0.48 -7.89 6.88
CA DSG C 52 -0.16 -7.52 5.51
C DSG C 52 1.34 -7.70 5.24
O DSG C 52 2.00 -6.77 4.76
CB DSG C 52 -0.98 -8.29 4.48
CG DSG C 52 -0.37 -8.27 3.08
OD1 DSG C 52 -0.65 -7.38 2.28
ND2 DSG C 52 0.45 -9.27 2.80
N DAS C 53 1.87 -8.89 5.57
CA DAS C 53 3.30 -9.09 5.39
C DAS C 53 4.08 -8.01 6.15
O DAS C 53 5.07 -7.50 5.63
CB DAS C 53 3.72 -10.53 5.64
CG DAS C 53 3.43 -11.28 4.33
OD1 DAS C 53 3.92 -10.80 3.29
OD2 DAS C 53 2.62 -12.24 4.34
N DAL C 54 3.59 -7.66 7.34
CA DAL C 54 4.22 -6.64 8.17
CB DAL C 54 3.43 -6.46 9.43
C DAL C 54 4.36 -5.34 7.39
O DAL C 54 5.43 -4.73 7.34
N DGN C 55 3.27 -4.94 6.71
CA DGN C 55 3.09 -3.57 6.25
C DGN C 55 3.85 -3.27 4.95
O DGN C 55 4.00 -2.12 4.59
CB DGN C 55 1.60 -3.31 6.05
CG DGN C 55 1.05 -2.09 6.79
CD DGN C 55 -0.28 -2.42 7.42
OE1 DGN C 55 -0.47 -2.21 8.60
NE2 DGN C 55 -1.18 -2.97 6.61
N DAL C 56 4.36 -4.33 4.27
CA DAL C 56 4.85 -4.23 2.91
CB DAL C 56 5.20 -5.61 2.39
C DAL C 56 6.02 -3.24 2.82
O DAL C 56 6.65 -2.90 3.83
N DPR C 57 6.38 -2.71 1.61
CA DPR C 57 7.59 -1.90 1.47
CB DPR C 57 7.29 -1.06 0.22
CG DPR C 57 6.49 -2.03 -0.64
CD DPR C 57 5.65 -2.85 0.34
C DPR C 57 8.86 -2.74 1.26
O DPR C 57 9.81 -2.53 2.02
N DPN D 5 21.10 8.53 -35.79
CA DPN D 5 19.71 8.92 -36.14
C DPN D 5 19.16 9.78 -35.00
O DPN D 5 19.85 10.09 -34.02
CB DPN D 5 19.65 9.62 -37.51
CG DPN D 5 20.98 9.98 -38.12
CD1 DPN D 5 21.81 10.93 -37.55
CD2 DPN D 5 21.43 9.35 -39.28
CE1 DPN D 5 23.05 11.25 -38.12
CE2 DPN D 5 22.66 9.66 -39.84
CZ DPN D 5 23.47 10.62 -39.26
N DSG D 6 17.88 10.13 -35.13
CA DSG D 6 17.34 11.35 -34.52
C DSG D 6 17.08 11.16 -33.02
O DSG D 6 17.29 10.08 -32.50
CB DSG D 6 18.25 12.53 -34.86
CG DSG D 6 18.54 12.66 -36.35
OD1 DSG D 6 17.67 12.44 -37.19
ND2 DSG D 6 19.75 13.04 -36.72
N DLY D 7 16.63 12.23 -32.34
CA DLY D 7 15.70 12.13 -31.21
C DLY D 7 16.41 11.63 -29.94
O DLY D 7 15.77 11.38 -28.92
CB DLY D 7 15.07 13.48 -30.91
CG DLY D 7 13.58 13.45 -30.56
CD DLY D 7 13.10 14.67 -29.77
CE DLY D 7 13.67 15.99 -30.27
NZ DLY D 7 14.94 16.37 -29.60
N DGL D 8 17.74 11.59 -30.03
CA DGL D 8 18.56 10.81 -29.12
C DGL D 8 17.90 9.45 -28.86
O DGL D 8 17.44 9.16 -27.75
CB DGL D 8 19.95 10.66 -29.76
CG DGL D 8 21.13 11.18 -28.93
CD DGL D 8 20.97 11.37 -27.41
OE1 DGL D 8 20.49 10.44 -26.72
OE2 DGL D 8 21.36 12.44 -26.93
N DTR D 9 17.83 8.64 -29.93
CA DTR D 9 17.48 7.23 -29.85
CB DTR D 9 18.15 6.44 -30.99
CG DTR D 9 17.37 6.19 -32.26
CD1 DTR D 9 16.45 6.99 -32.90
NE1 DTR D 9 16.01 6.40 -34.03
CE2 DTR D 9 16.64 5.20 -34.18
CZ2 DTR D 9 16.53 4.23 -35.18
CH2 DTR D 9 17.31 3.09 -35.06
CZ3 DTR D 9 18.16 2.91 -33.98
CE3 DTR D 9 18.27 3.86 -32.98
CD2 DTR D 9 17.51 5.03 -33.08
C DTR D 9 15.97 7.06 -29.77
O DTR D 9 15.49 6.04 -29.30
N DAS D 10 15.21 8.10 -30.11
CA DAS D 10 13.77 8.07 -29.90
C DAS D 10 13.48 7.69 -28.45
O DAS D 10 12.60 6.90 -28.18
CB DAS D 10 13.12 9.38 -30.34
CG DAS D 10 12.35 9.21 -31.62
OD1 DAS D 10 12.96 9.18 -32.71
OD2 DAS D 10 11.14 9.06 -31.53
N DSG D 11 14.25 8.27 -27.52
CA DSG D 11 14.05 7.89 -26.12
C DSG D 11 14.61 6.49 -25.86
O DSG D 11 14.01 5.70 -25.15
CB DSG D 11 14.56 8.91 -25.10
CG DSG D 11 13.97 8.65 -23.73
OD1 DSG D 11 12.76 8.41 -23.60
ND2 DSG D 11 14.80 8.67 -22.69
N DAL D 12 15.79 6.17 -26.42
CA DAL D 12 16.37 4.86 -26.19
CB DAL D 12 17.72 4.74 -26.85
C DAL D 12 15.40 3.77 -26.66
O DAL D 12 15.29 2.73 -26.04
N DTR D 13 14.67 4.05 -27.74
CA DTR D 13 13.73 3.12 -28.34
CB DTR D 13 13.16 3.71 -29.63
CG DTR D 13 12.03 2.98 -30.28
CD1 DTR D 13 10.70 3.30 -30.30
NE1 DTR D 13 9.99 2.37 -31.00
CE2 DTR D 13 10.85 1.41 -31.44
CZ2 DTR D 13 10.61 0.26 -32.17
CH2 DTR D 13 11.71 -0.52 -32.47
CZ3 DTR D 13 13.00 -0.20 -32.05
CE3 DTR D 13 13.23 0.93 -31.33
CD2 DTR D 13 12.15 1.75 -31.01
C DTR D 13 12.59 2.79 -27.37
O DTR D 13 12.41 1.63 -27.01
N DAR D 14 11.81 3.82 -27.02
CA DAR D 14 10.70 3.68 -26.09
CB DAR D 14 10.13 5.07 -25.73
CG DAR D 14 9.18 5.72 -26.72
CD DAR D 14 9.48 7.21 -26.97
NE DAR D 14 8.28 8.06 -26.97
CZ DAR D 14 7.65 8.52 -28.06
NH1 DAR D 14 6.39 8.91 -27.98
NH2 DAR D 14 8.27 8.61 -29.22
C DAR D 14 11.21 2.96 -24.85
O DAR D 14 10.63 1.98 -24.40
N DGL D 15 12.36 3.41 -24.32
CA DGL D 15 12.96 2.84 -23.13
C DGL D 15 13.15 1.34 -23.30
O DGL D 15 12.54 0.56 -22.58
CB DGL D 15 14.28 3.54 -22.80
CG DGL D 15 14.12 4.84 -22.05
CD DGL D 15 14.33 4.81 -20.54
OE1 DGL D 15 14.00 3.76 -19.90
OE2 DGL D 15 14.83 5.81 -20.00
N DIL D 16 13.98 0.96 -24.27
CA DIL D 16 14.42 -0.43 -24.43
C DIL D 16 13.21 -1.34 -24.57
O DIL D 16 13.16 -2.44 -24.00
CB DIL D 16 15.39 -0.55 -25.62
CG1 DIL D 16 16.26 -1.81 -25.55
CG2 DIL D 16 14.65 -0.47 -26.94
CD1 DIL D 16 17.71 -1.49 -25.24
N DAR D 17 12.19 -0.90 -25.30
CA DAR D 17 10.97 -1.67 -25.48
CB DAR D 17 9.94 -0.80 -26.21
CG DAR D 17 9.83 -1.05 -27.71
CD DAR D 17 9.19 0.22 -28.23
NE DAR D 17 8.19 0.18 -29.29
CZ DAR D 17 7.62 -0.92 -29.75
NH1 DAR D 17 6.38 -0.86 -30.22
NH2 DAR D 17 8.29 -2.06 -29.69
C DAR D 17 10.43 -2.12 -24.13
O DAR D 17 10.16 -3.31 -23.94
N DHI D 18 10.34 -1.17 -23.19
CA DHI D 18 9.64 -1.22 -21.93
C DHI D 18 10.33 -2.03 -20.83
O DHI D 18 9.67 -2.38 -19.85
CB DHI D 18 9.55 0.23 -21.42
CG DHI D 18 8.33 0.61 -20.63
ND1 DHI D 18 7.96 1.94 -20.47
CD2 DHI D 18 7.41 -0.09 -19.93
CE1 DHI D 18 7.19 2.03 -19.39
NE2 DHI D 18 6.83 0.79 -19.05
N DLE D 19 11.66 -2.25 -20.94
CA DLE D 19 12.42 -2.84 -19.85
CB DLE D 19 13.82 -3.20 -20.35
CG DLE D 19 14.83 -2.06 -20.60
CD1 DLE D 19 14.28 -0.70 -20.21
CD2 DLE D 19 16.13 -2.33 -19.85
C DLE D 19 11.76 -4.12 -19.37
O DLE D 19 11.66 -5.07 -20.13
N DPR D 20 11.33 -4.21 -18.09
CA DPR D 20 10.73 -5.42 -17.54
CB DPR D 20 9.88 -4.95 -16.37
CG DPR D 20 10.15 -3.43 -16.25
CD DPR D 20 11.40 -3.14 -17.08
C DPR D 20 11.88 -6.29 -17.04
O DPR D 20 12.84 -5.74 -16.52
N DSG D 21 11.81 -7.61 -17.20
CA DSG D 21 12.97 -8.48 -17.30
C DSG D 21 13.39 -8.62 -18.76
O DSG D 21 12.64 -8.20 -19.64
CB DSG D 21 14.16 -8.02 -16.45
CG DSG D 21 13.80 -7.92 -14.99
OD1 DSG D 21 13.05 -8.76 -14.49
ND2 DSG D 21 14.26 -6.88 -14.32
N DLE D 22 14.55 -9.21 -19.00
CA DLE D 22 15.16 -9.27 -20.32
CB DLE D 22 15.08 -7.94 -21.10
CG DLE D 22 15.59 -6.66 -20.44
CD1 DLE D 22 16.59 -6.96 -19.34
CD2 DLE D 22 16.23 -5.73 -21.47
C DLE D 22 14.47 -10.33 -21.18
O DLE D 22 13.27 -10.54 -21.18
N DSG D 23 15.31 -10.90 -22.04
CA DSG D 23 15.12 -12.21 -22.66
C DSG D 23 14.05 -12.16 -23.76
O DSG D 23 13.64 -13.21 -24.25
CB DSG D 23 16.50 -12.70 -23.13
CG DSG D 23 16.57 -14.16 -23.49
OD1 DSG D 23 16.46 -14.52 -24.66
ND2 DSG D 23 16.81 -15.02 -22.51
N DLE D 24 13.51 -10.97 -24.07
CA DLE D 24 12.74 -10.74 -25.29
CB DLE D 24 11.65 -11.81 -25.45
CG DLE D 24 11.25 -12.27 -26.87
CD1 DLE D 24 10.90 -13.75 -26.86
CD2 DLE D 24 10.10 -11.45 -27.45
C DLE D 24 13.73 -10.72 -26.46
O DLE D 24 13.93 -9.67 -27.07
N DGL D 25 14.39 -11.84 -26.73
CA DGL D 25 15.46 -11.86 -27.71
C DGL D 25 16.44 -10.73 -27.38
O DGL D 25 16.85 -10.03 -28.31
CB DGL D 25 16.10 -13.25 -27.72
CG DGL D 25 15.67 -14.07 -28.94
CD DGL D 25 15.95 -13.37 -30.26
OE1 DGL D 25 17.13 -13.39 -30.70
OE2 DGL D 25 15.01 -12.80 -30.86
N DGN D 26 16.75 -10.55 -26.09
CA DGN D 26 17.67 -9.51 -25.64
C DGN D 26 17.22 -8.17 -26.23
O DGN D 26 17.97 -7.55 -26.98
CB DGN D 26 17.73 -9.46 -24.10
CG DGN D 26 18.97 -10.09 -23.44
CD DGN D 26 19.37 -11.46 -23.93
OE1 DGN D 26 19.12 -11.83 -25.07
NE2 DGN D 26 20.03 -12.22 -23.06
N DLY D 27 15.98 -7.77 -25.94
CA DLY D 27 15.43 -6.51 -26.44
C DLY D 27 15.64 -6.40 -27.95
O DLY D 27 15.84 -5.32 -28.46
CB DLY D 27 13.93 -6.39 -26.11
CG DLY D 27 13.62 -6.38 -24.63
CD DLY D 27 12.21 -5.92 -24.28
CE DLY D 27 11.80 -6.35 -22.89
NZ DLY D 27 11.46 -7.79 -22.81
N DAR D 28 15.59 -7.54 -28.65
CA DAR D 28 15.91 -7.54 -30.07
CB DAR D 28 15.51 -8.83 -30.78
CG DAR D 28 15.19 -8.59 -32.25
CD DAR D 28 15.44 -9.72 -33.24
NE DAR D 28 16.55 -9.39 -34.12
CZ DAR D 28 16.45 -9.23 -35.43
NH1 DAR D 28 15.34 -9.57 -36.05
NH2 DAR D 28 17.47 -8.72 -36.12
C DAR D 28 17.40 -7.31 -30.28
O DAR D 28 17.80 -6.51 -31.13
N DAL D 29 18.24 -8.04 -29.55
CA DAL D 29 19.68 -7.93 -29.75
CB DAL D 29 20.43 -8.82 -28.79
C DAL D 29 20.11 -6.46 -29.64
O DAL D 29 20.92 -5.99 -30.45
N DPN D 30 19.54 -5.72 -28.68
CA DPN D 30 19.85 -4.30 -28.54
C DPN D 30 19.43 -3.53 -29.79
O DPN D 30 20.23 -2.84 -30.42
CB DPN D 30 19.16 -3.74 -27.28
CG DPN D 30 19.96 -3.88 -26.01
CD1 DPN D 30 20.96 -2.96 -25.73
CD2 DPN D 30 19.70 -4.89 -25.09
CE1 DPN D 30 21.70 -3.04 -24.56
CE2 DPN D 30 20.41 -4.94 -23.90
CZ DPN D 30 21.44 -4.06 -23.66
N DIL D 31 18.15 -3.69 -30.15
CA DIL D 31 17.51 -2.99 -31.25
C DIL D 31 18.30 -3.17 -32.55
O DIL D 31 18.34 -2.25 -33.37
CB DIL D 31 16.06 -3.48 -31.41
CG1 DIL D 31 15.28 -3.45 -30.09
CG2 DIL D 31 15.34 -2.71 -32.51
CD1 DIL D 31 14.32 -2.28 -29.94
N DSN D 32 18.88 -4.36 -32.76
CA DSN D 32 19.69 -4.58 -33.93
C DSN D 32 20.92 -3.68 -33.84
O DSN D 32 21.21 -2.91 -34.77
CB DSN D 32 20.06 -6.03 -34.11
OG DSN D 32 19.34 -6.65 -35.17
N DSN D 33 21.57 -3.73 -32.68
CA DSN D 33 22.72 -2.89 -32.40
C DSN D 33 22.37 -1.42 -32.63
O DSN D 33 23.14 -0.70 -33.25
CB DSN D 33 23.26 -3.12 -31.02
OG DSN D 33 23.94 -4.37 -30.97
N DLE D 34 21.17 -1.01 -32.17
CA DLE D 34 20.67 0.36 -32.27
CB DLE D 34 19.27 0.41 -31.65
CG DLE D 34 19.14 1.31 -30.43
CD1 DLE D 34 17.71 1.77 -30.24
CD2 DLE D 34 19.67 0.59 -29.19
C DLE D 34 20.63 0.88 -33.71
O DLE D 34 20.71 2.10 -33.89
N DTY D 35 20.43 -0.01 -34.70
CA DTY D 35 20.29 0.39 -36.10
C DTY D 35 21.66 0.47 -36.77
O DTY D 35 22.53 -0.38 -36.59
CB DTY D 35 19.31 -0.51 -36.88
CG DTY D 35 17.83 -0.21 -36.68
CD1 DTY D 35 17.10 -0.95 -35.77
CD2 DTY D 35 17.15 0.79 -37.37
CE1 DTY D 35 15.75 -0.71 -35.55
CE2 DTY D 35 15.80 1.03 -37.16
CZ DTY D 35 15.09 0.28 -36.23
OH DTY D 35 13.77 0.49 -35.98
N DAS D 36 21.81 1.52 -37.60
CA DAS D 36 23.06 2.21 -37.89
C DAS D 36 23.45 2.99 -36.64
O DAS D 36 22.57 3.53 -35.99
CB DAS D 36 24.09 1.29 -38.56
CG DAS D 36 24.75 1.94 -39.78
OD1 DAS D 36 25.23 1.20 -40.64
OD2 DAS D 36 24.75 3.20 -39.86
N DAS D 37 24.76 3.11 -36.34
CA DAS D 37 25.19 3.81 -35.13
C DAS D 37 24.45 5.14 -34.99
O DAS D 37 23.72 5.33 -34.03
CB DAS D 37 24.99 2.93 -33.90
CG DAS D 37 24.92 1.46 -34.24
OD1 DAS D 37 25.89 0.76 -33.95
OD2 DAS D 37 23.91 1.05 -34.84
N DPR D 38 24.60 6.10 -35.93
CA DPR D 38 23.99 7.41 -35.79
CB DPR D 38 24.37 8.17 -37.08
CG DPR D 38 25.49 7.39 -37.73
CD DPR D 38 25.38 5.99 -37.19
C DPR D 38 24.48 8.16 -34.54
O DPR D 38 25.58 8.71 -34.54
N DSN D 39 23.66 8.18 -33.49
CA DSN D 39 24.08 8.63 -32.17
C DSN D 39 24.67 7.44 -31.39
O DSN D 39 25.04 6.44 -31.98
CB DSN D 39 25.06 9.78 -32.22
OG DSN D 39 25.26 10.30 -30.92
N DGN D 40 24.75 7.60 -30.06
CA DGN D 40 25.16 6.58 -29.10
C DGN D 40 23.95 5.83 -28.53
O DGN D 40 24.05 4.68 -28.09
CB DGN D 40 26.22 5.63 -29.68
CG DGN D 40 25.68 4.45 -30.50
CD DGN D 40 26.57 3.24 -30.41
OE1 DGN D 40 26.97 2.83 -29.33
NE2 DGN D 40 26.89 2.66 -31.56
N DSN D 41 22.80 6.53 -28.52
CA DSN D 41 21.56 6.03 -27.98
C DSN D 41 21.70 5.78 -26.48
O DSN D 41 21.64 4.64 -26.03
CB DSN D 41 20.44 6.98 -28.29
OG DSN D 41 20.90 8.31 -28.22
N DAL D 42 21.90 6.87 -25.72
CA DAL D 42 21.96 6.84 -24.25
CB DAL D 42 22.25 8.24 -23.73
C DAL D 42 23.01 5.86 -23.75
O DAL D 42 22.83 5.21 -22.71
N DSG D 43 24.12 5.75 -24.49
CA DSG D 43 25.14 4.74 -24.26
C DSG D 43 24.49 3.39 -24.00
O DSG D 43 24.67 2.82 -22.91
CB DSG D 43 26.19 4.83 -25.38
CG DSG D 43 26.45 3.57 -26.17
OD1 DSG D 43 27.43 2.87 -25.90
ND2 DSG D 43 25.65 3.34 -27.19
N DLE D 44 23.72 2.87 -24.97
CA DLE D 44 23.26 1.47 -24.95
CB DLE D 44 22.83 1.06 -26.37
CG DLE D 44 23.79 1.37 -27.52
CD1 DLE D 44 24.67 0.17 -27.84
CD2 DLE D 44 23.01 1.78 -28.76
C DLE D 44 22.10 1.32 -23.98
O DLE D 44 21.91 0.26 -23.35
N DLE D 45 21.30 2.38 -23.88
CA DLE D 45 20.33 2.56 -22.82
CB DLE D 45 19.88 4.02 -22.81
CG DLE D 45 18.39 4.25 -22.58
CD1 DLE D 45 17.99 3.56 -21.29
CD2 DLE D 45 18.08 5.74 -22.54
C DLE D 45 20.90 2.18 -21.47
O DLE D 45 20.31 1.36 -20.77
N DAL D 46 22.04 2.75 -21.09
CA DAL D 46 22.61 2.51 -19.77
CB DAL D 46 23.89 3.30 -19.62
C DAL D 46 22.83 1.01 -19.54
O DAL D 46 22.55 0.49 -18.46
N DGL D 47 23.36 0.34 -20.58
CA DGL D 47 23.86 -1.02 -20.42
C DGL D 47 22.69 -2.00 -20.43
O DGL D 47 22.82 -3.13 -19.96
CB DGL D 47 24.91 -1.29 -21.51
CG DGL D 47 24.48 -2.21 -22.63
CD DGL D 47 25.16 -1.88 -23.95
OE1 DGL D 47 25.64 -2.81 -24.63
OE2 DGL D 47 25.24 -0.68 -24.26
N DAL D 48 21.54 -1.54 -20.92
CA DAL D 48 20.31 -2.30 -20.79
CB DAL D 48 19.29 -1.78 -21.76
C DAL D 48 19.81 -2.25 -19.35
O DAL D 48 19.68 -3.27 -18.69
N DLY D 49 19.56 -1.03 -18.87
CA DLY D 49 19.14 -0.81 -17.50
C DLY D 49 19.99 -1.67 -16.56
O DLY D 49 19.45 -2.31 -15.65
CB DLY D 49 19.27 0.68 -17.14
CG DLY D 49 18.33 1.59 -17.92
CD DLY D 49 17.98 2.85 -17.17
CE DLY D 49 16.97 3.72 -17.91
NZ DLY D 49 17.51 5.09 -18.11
N DLY D 50 21.31 -1.68 -16.80
CA DLY D 50 22.21 -2.47 -15.99
C DLY D 50 21.80 -3.94 -16.10
O DLY D 50 21.66 -4.64 -15.10
CB DLY D 50 23.67 -2.21 -16.38
CG DLY D 50 24.70 -3.12 -15.71
CD DLY D 50 24.84 -2.91 -14.21
CE DLY D 50 26.13 -3.48 -13.64
NZ DLY D 50 26.14 -4.96 -13.67
N DLE D 51 21.58 -4.38 -17.36
CA DLE D 51 21.24 -5.76 -17.66
CB DLE D 51 21.29 -5.95 -19.18
CG DLE D 51 21.63 -7.35 -19.71
CD1 DLE D 51 23.10 -7.67 -19.49
CD2 DLE D 51 20.75 -8.43 -19.09
C DLE D 51 19.86 -6.08 -17.09
O DLE D 51 19.59 -7.21 -16.64
N DSG D 52 18.95 -5.09 -17.12
CA DSG D 52 17.62 -5.23 -16.55
C DSG D 52 17.71 -5.31 -15.03
O DSG D 52 17.14 -6.24 -14.43
CB DSG D 52 16.67 -4.10 -16.98
CG DSG D 52 15.46 -3.97 -16.09
OD1 DSG D 52 14.44 -4.59 -16.35
ND2 DSG D 52 15.57 -3.15 -15.06
N DAS D 53 18.42 -4.36 -14.40
CA DAS D 53 18.56 -4.40 -12.96
C DAS D 53 19.18 -5.76 -12.59
O DAS D 53 18.75 -6.38 -11.60
CB DAS D 53 19.35 -3.23 -12.34
CG DAS D 53 19.25 -1.83 -12.93
OD1 DAS D 53 20.27 -1.37 -13.44
OD2 DAS D 53 18.18 -1.18 -12.83
N DAL D 54 20.13 -6.23 -13.40
CA DAL D 54 20.79 -7.51 -13.16
CB DAL D 54 21.81 -7.77 -14.24
C DAL D 54 19.76 -8.63 -13.07
O DAL D 54 19.86 -9.44 -12.15
N DGN D 55 18.79 -8.65 -13.99
CA DGN D 55 17.98 -9.82 -14.27
C DGN D 55 16.93 -10.11 -13.17
O DGN D 55 16.44 -11.23 -13.11
CB DGN D 55 17.34 -9.68 -15.65
CG DGN D 55 17.54 -10.86 -16.59
CD DGN D 55 18.84 -10.81 -17.37
OE1 DGN D 55 18.86 -10.69 -18.60
NE2 DGN D 55 19.93 -10.90 -16.64
N DAL D 56 16.60 -9.10 -12.34
CA DAL D 56 16.25 -9.28 -10.91
CB DAL D 56 17.52 -9.59 -10.15
C DAL D 56 15.16 -10.34 -10.68
O DAL D 56 14.33 -10.51 -11.54
N DPR D 57 15.06 -11.01 -9.50
CA DPR D 57 14.00 -12.00 -9.27
CB DPR D 57 13.86 -12.00 -7.75
CG DPR D 57 15.28 -11.79 -7.26
CD DPR D 57 15.89 -10.85 -8.28
C DPR D 57 14.40 -13.40 -9.77
O DPR D 57 13.68 -14.00 -10.56
N GLU E 7 10.38 5.59 47.50
CA GLU E 7 10.23 4.14 47.81
C GLU E 7 10.24 3.32 46.50
N VAL E 8 10.70 2.08 46.60
CA VAL E 8 10.98 1.21 45.44
C VAL E 8 9.66 0.62 44.95
N VAL E 9 9.51 0.45 43.64
CA VAL E 9 8.52 -0.50 43.04
C VAL E 9 9.17 -1.87 43.07
N LYS E 10 8.59 -2.78 43.85
CA LYS E 10 9.24 -4.06 44.23
C LYS E 10 9.35 -4.95 42.97
N PHE E 11 10.44 -5.71 42.80
CA PHE E 11 10.72 -6.45 41.53
C PHE E 11 9.47 -7.26 41.14
N MET E 12 9.12 -8.25 41.95
CA MET E 12 7.94 -9.10 41.65
C MET E 12 6.89 -8.22 40.95
N ASP E 13 6.53 -7.05 41.49
CA ASP E 13 5.39 -6.23 41.04
C ASP E 13 5.69 -5.56 39.69
N VAL E 14 6.96 -5.32 39.36
CA VAL E 14 7.39 -4.89 37.99
C VAL E 14 7.03 -6.01 36.98
N TYR E 15 7.87 -7.05 36.91
CA TYR E 15 7.63 -8.23 36.05
C TYR E 15 6.12 -8.53 35.96
N GLN E 16 5.43 -8.82 37.06
CA GLN E 16 3.99 -9.17 37.00
C GLN E 16 3.27 -8.18 36.08
N ARG E 17 3.56 -6.90 36.22
CA ARG E 17 2.77 -5.79 35.61
C ARG E 17 3.26 -5.53 34.17
N SER E 18 4.53 -5.80 33.89
CA SER E 18 5.09 -5.61 32.53
C SER E 18 4.73 -6.79 31.62
N TYR E 19 4.76 -8.02 32.12
CA TYR E 19 4.61 -9.27 31.32
C TYR E 19 3.52 -9.11 30.26
N CYS E 20 3.90 -9.45 29.03
CA CYS E 20 3.05 -9.61 27.82
C CYS E 20 1.54 -9.77 28.11
N HIS E 21 0.82 -8.66 28.16
CA HIS E 21 -0.67 -8.67 28.22
C HIS E 21 -1.22 -7.59 27.27
N PRO E 22 -2.52 -7.62 26.94
CA PRO E 22 -3.20 -6.48 26.35
C PRO E 22 -3.18 -5.30 27.32
N ILE E 23 -2.89 -4.11 26.81
CA ILE E 23 -2.80 -2.82 27.56
C ILE E 23 -3.47 -1.72 26.71
N GLU E 24 -4.38 -0.91 27.29
CA GLU E 24 -4.95 0.28 26.61
C GLU E 24 -3.79 1.14 26.13
N THR E 25 -3.71 1.39 24.82
CA THR E 25 -2.65 2.16 24.14
C THR E 25 -3.26 3.20 23.20
N LEU E 26 -2.66 4.39 23.11
CA LEU E 26 -3.19 5.50 22.28
C LEU E 26 -2.61 5.44 20.87
N VAL E 27 -3.40 5.39 19.80
CA VAL E 27 -2.89 5.20 18.40
C VAL E 27 -3.28 6.37 17.49
N ASP E 28 -2.31 7.12 17.00
CA ASP E 28 -2.55 8.19 16.00
C ASP E 28 -3.11 7.54 14.74
N ILE E 29 -4.27 8.01 14.27
CA ILE E 29 -5.04 7.33 13.19
C ILE E 29 -4.17 7.35 11.96
N PHE E 30 -3.54 8.50 11.69
CA PHE E 30 -2.78 8.70 10.43
C PHE E 30 -1.50 7.85 10.38
N GLN E 31 -0.86 7.52 11.51
CA GLN E 31 0.24 6.53 11.51
C GLN E 31 -0.35 5.17 11.19
N GLU E 32 -1.32 4.70 11.98
CA GLU E 32 -1.92 3.36 11.79
C GLU E 32 -2.43 3.24 10.36
N TYR E 33 -3.21 4.20 9.87
CA TYR E 33 -3.75 4.23 8.49
C TYR E 33 -3.11 5.39 7.74
N PRO E 34 -2.03 5.16 6.98
CA PRO E 34 -1.53 6.20 6.06
C PRO E 34 -2.26 6.23 4.71
N ASP E 35 -3.30 5.41 4.51
CA ASP E 35 -4.09 5.40 3.25
C ASP E 35 -5.26 6.40 3.40
N GLU E 36 -5.30 7.10 4.53
CA GLU E 36 -6.32 8.14 4.84
C GLU E 36 -5.74 9.53 4.61
N ILE E 37 -5.17 9.73 3.41
CA ILE E 37 -4.21 10.83 3.08
C ILE E 37 -5.00 12.13 2.90
N GLU E 38 -6.25 12.07 2.44
CA GLU E 38 -7.08 13.23 2.07
C GLU E 38 -7.59 13.96 3.31
N TYR E 39 -7.58 13.26 4.46
CA TYR E 39 -8.26 13.63 5.72
C TYR E 39 -7.28 13.84 6.89
N ILE E 40 -7.65 14.81 7.74
CA ILE E 40 -7.29 14.92 9.17
C ILE E 40 -8.44 14.22 9.91
N PHE E 41 -8.30 13.99 11.20
CA PHE E 41 -9.32 13.32 12.03
C PHE E 41 -9.42 14.09 13.35
N LYS E 42 -10.61 14.10 13.92
CA LYS E 42 -10.88 14.63 15.29
C LYS E 42 -11.65 13.54 16.03
N PRO E 43 -11.05 13.01 17.12
CA PRO E 43 -9.67 13.33 17.50
C PRO E 43 -8.66 12.70 16.53
N SER E 44 -7.36 12.89 16.78
CA SER E 44 -6.22 12.61 15.86
C SER E 44 -5.73 11.17 16.07
N CYS E 45 -6.45 10.40 16.87
CA CYS E 45 -5.85 9.53 17.91
C CYS E 45 -6.92 8.78 18.72
N VAL E 46 -6.70 7.51 19.05
CA VAL E 46 -7.77 6.67 19.70
C VAL E 46 -7.19 5.71 20.71
N PRO E 47 -8.00 5.29 21.71
CA PRO E 47 -7.58 4.34 22.73
C PRO E 47 -7.97 2.95 22.24
N LEU E 48 -6.95 2.09 22.08
CA LEU E 48 -7.06 0.72 21.56
C LEU E 48 -6.28 -0.23 22.47
N MET E 49 -6.92 -1.37 22.75
CA MET E 49 -6.33 -2.51 23.48
C MET E 49 -5.33 -3.15 22.54
N ARG E 50 -4.07 -3.20 22.95
CA ARG E 50 -2.96 -3.64 22.08
C ARG E 50 -1.91 -4.40 22.91
N CYS E 51 -1.39 -5.51 22.39
CA CYS E 51 -0.33 -6.32 23.04
C CYS E 51 0.85 -5.40 23.33
N GLY E 52 1.38 -5.51 24.56
CA GLY E 52 2.57 -4.80 25.06
C GLY E 52 3.24 -5.62 26.15
N GLY E 53 4.57 -5.56 26.26
CA GLY E 53 5.27 -6.00 27.47
C GLY E 53 6.36 -7.03 27.23
N CYS E 54 7.23 -7.20 28.22
CA CYS E 54 8.41 -8.12 28.31
C CYS E 54 7.97 -9.56 28.09
N CYS E 55 8.95 -10.40 27.74
CA CYS E 55 8.84 -11.88 27.72
C CYS E 55 9.99 -12.51 28.52
N ASN E 56 9.81 -13.75 29.01
CA ASN E 56 10.76 -14.52 29.85
C ASN E 56 12.14 -14.50 29.18
N ASP E 57 12.18 -14.66 27.87
CA ASP E 57 13.44 -14.82 27.11
C ASP E 57 13.55 -13.67 26.13
N GLU E 58 14.74 -13.08 25.95
CA GLU E 58 14.96 -12.01 24.94
C GLU E 58 14.69 -12.57 23.51
N GLY E 59 14.62 -13.90 23.37
CA GLY E 59 14.30 -14.55 22.08
C GLY E 59 12.83 -14.37 21.71
N LEU E 60 11.95 -14.41 22.70
CA LEU E 60 10.49 -14.31 22.47
C LEU E 60 10.10 -12.86 22.22
N GLU E 61 8.87 -12.64 21.74
CA GLU E 61 8.24 -11.32 21.46
C GLU E 61 6.74 -11.49 21.67
N CYS E 62 6.10 -10.43 22.11
CA CYS E 62 4.74 -10.50 22.70
C CYS E 62 3.73 -10.18 21.62
N VAL E 63 2.87 -11.11 21.21
CA VAL E 63 2.07 -10.98 19.95
C VAL E 63 0.62 -11.35 20.19
N PRO E 64 -0.32 -10.84 19.37
CA PRO E 64 -1.72 -11.18 19.52
C PRO E 64 -2.02 -12.64 19.19
N THR E 65 -3.11 -13.21 19.72
CA THR E 65 -3.63 -14.54 19.34
C THR E 65 -5.11 -14.44 18.93
N GLU E 66 -5.95 -13.76 19.74
CA GLU E 66 -7.34 -13.37 19.39
C GLU E 66 -7.39 -11.88 19.07
N GLU E 67 -8.05 -11.51 17.96
CA GLU E 67 -8.19 -10.10 17.50
C GLU E 67 -9.66 -9.84 17.23
N SER E 68 -10.14 -8.61 17.41
CA SER E 68 -11.57 -8.24 17.22
C SER E 68 -11.69 -6.78 16.78
N ASN E 69 -12.90 -6.39 16.37
CA ASN E 69 -13.22 -5.05 15.79
C ASN E 69 -13.92 -4.17 16.82
N ILE E 70 -13.48 -2.92 16.92
CA ILE E 70 -14.23 -1.80 17.55
C ILE E 70 -14.41 -0.73 16.46
N THR E 71 -15.64 -0.53 15.96
CA THR E 71 -16.09 0.62 15.16
C THR E 71 -16.16 1.81 16.12
N MET E 72 -15.75 3.01 15.70
CA MET E 72 -16.01 4.26 16.46
C MET E 72 -16.38 5.39 15.48
N GLN E 73 -16.99 6.45 16.00
CA GLN E 73 -17.40 7.63 15.21
C GLN E 73 -16.29 8.70 15.31
N ILE E 74 -15.90 9.26 14.17
CA ILE E 74 -14.66 10.06 14.04
C ILE E 74 -14.97 11.24 13.11
N MET E 75 -14.74 12.47 13.54
CA MET E 75 -14.87 13.60 12.59
C MET E 75 -13.79 13.42 11.54
N ARG E 76 -14.21 13.32 10.27
CA ARG E 76 -13.36 13.20 9.07
C ARG E 76 -13.37 14.57 8.38
N ILE E 77 -12.22 15.24 8.32
CA ILE E 77 -12.08 16.58 7.69
C ILE E 77 -11.21 16.48 6.44
N LYS E 78 -11.78 16.89 5.30
CA LYS E 78 -11.04 17.36 4.10
C LYS E 78 -10.83 18.87 4.24
N PRO E 79 -9.60 19.38 4.46
CA PRO E 79 -9.45 20.75 4.93
C PRO E 79 -10.08 21.79 3.98
N HIS E 80 -10.65 22.87 4.52
CA HIS E 80 -11.22 23.99 3.73
C HIS E 80 -12.35 23.47 2.85
N GLN E 81 -12.88 22.29 3.18
CA GLN E 81 -13.84 21.55 2.31
C GLN E 81 -14.88 20.85 3.20
N GLY E 82 -15.77 20.04 2.61
CA GLY E 82 -16.71 19.11 3.29
C GLY E 82 -16.11 18.45 4.53
N GLN E 83 -16.98 18.13 5.49
CA GLN E 83 -16.68 17.49 6.79
C GLN E 83 -17.92 16.73 7.28
N HIS E 84 -17.73 15.63 8.03
CA HIS E 84 -18.81 14.69 8.43
C HIS E 84 -18.22 13.75 9.48
N ILE E 85 -18.82 13.60 10.65
CA ILE E 85 -18.66 12.39 11.52
C ILE E 85 -19.03 11.16 10.68
N GLY E 86 -18.28 10.07 10.86
CA GLY E 86 -18.41 8.81 10.10
C GLY E 86 -17.88 7.66 10.93
N GLU E 87 -18.24 6.43 10.57
CA GLU E 87 -17.80 5.22 11.32
C GLU E 87 -16.35 4.94 10.89
N MET E 88 -15.57 4.25 11.73
CA MET E 88 -14.20 3.80 11.38
C MET E 88 -13.83 2.60 12.23
N SER E 89 -13.47 1.50 11.59
CA SER E 89 -13.22 0.23 12.31
C SER E 89 -11.74 0.05 12.64
N PHE E 90 -11.44 -0.55 13.78
CA PHE E 90 -10.06 -0.69 14.31
C PHE E 90 -9.86 -2.08 14.90
N LEU E 91 -8.65 -2.62 14.73
CA LEU E 91 -8.22 -3.94 15.26
C LEU E 91 -7.81 -3.77 16.72
N GLN E 92 -8.35 -4.63 17.61
CA GLN E 92 -8.04 -4.71 19.06
C GLN E 92 -7.62 -6.13 19.47
N HIS E 93 -6.49 -6.25 20.19
CA HIS E 93 -5.92 -7.54 20.62
C HIS E 93 -6.52 -7.95 21.97
N ASN E 94 -7.33 -9.02 21.99
CA ASN E 94 -8.06 -9.50 23.19
C ASN E 94 -7.15 -10.43 24.02
N LYS E 95 -6.30 -11.20 23.37
CA LYS E 95 -5.44 -12.14 24.09
C LYS E 95 -4.06 -12.10 23.45
N CYS E 96 -3.04 -11.97 24.28
CA CYS E 96 -1.61 -11.98 23.91
C CYS E 96 -0.91 -13.24 24.44
N GLU E 97 0.24 -13.58 23.88
CA GLU E 97 1.14 -14.64 24.38
C GLU E 97 2.56 -14.42 23.86
N CYS E 98 3.56 -14.77 24.66
CA CYS E 98 4.99 -14.72 24.25
C CYS E 98 5.26 -15.81 23.20
N ARG E 99 5.88 -15.44 22.09
CA ARG E 99 6.14 -16.38 20.98
C ARG E 99 7.45 -15.99 20.28
N PRO E 100 8.18 -17.00 19.74
CA PRO E 100 9.49 -16.79 19.15
C PRO E 100 9.60 -15.79 18.00
N LYS E 101 10.69 -15.01 17.91
CA LYS E 101 10.88 -13.97 16.85
C LYS E 101 11.27 -14.56 15.47
N LYS E 102 11.04 -13.78 14.40
CA LYS E 102 11.21 -14.17 12.98
C LYS E 102 10.10 -13.50 12.13
N HIS F 5 -21.33 -7.47 17.90
CA HIS F 5 -20.95 -7.89 19.29
C HIS F 5 -21.31 -6.74 20.22
N HIS F 6 -20.48 -5.71 20.18
CA HIS F 6 -20.57 -4.55 21.09
C HIS F 6 -20.84 -3.28 20.28
N GLU F 7 -21.62 -2.36 20.87
CA GLU F 7 -22.02 -1.07 20.27
C GLU F 7 -20.75 -0.25 19.93
N VAL F 8 -20.91 0.65 18.96
CA VAL F 8 -19.99 1.71 18.49
C VAL F 8 -19.64 2.65 19.63
N VAL F 9 -18.39 3.10 19.68
CA VAL F 9 -17.93 4.05 20.74
C VAL F 9 -18.30 5.46 20.29
N LYS F 10 -19.15 6.11 21.08
CA LYS F 10 -19.73 7.42 20.73
C LYS F 10 -18.62 8.49 20.82
N PHE F 11 -18.67 9.48 19.94
CA PHE F 11 -17.67 10.58 19.78
C PHE F 11 -17.29 11.16 21.14
N MET F 12 -18.23 11.76 21.86
CA MET F 12 -18.00 12.23 23.25
C MET F 12 -16.90 11.37 23.89
N ASP F 13 -17.14 10.05 23.97
CA ASP F 13 -16.32 9.09 24.77
C ASP F 13 -14.96 8.87 24.11
N VAL F 14 -14.85 9.02 22.80
CA VAL F 14 -13.54 9.03 22.08
C VAL F 14 -12.73 10.23 22.59
N TYR F 15 -13.00 11.42 22.09
CA TYR F 15 -12.40 12.71 22.52
C TYR F 15 -12.04 12.61 24.03
N GLN F 16 -13.01 12.45 24.92
CA GLN F 16 -12.72 12.41 26.38
C GLN F 16 -11.50 11.52 26.63
N ARG F 17 -11.48 10.34 26.02
CA ARG F 17 -10.54 9.24 26.36
C ARG F 17 -9.22 9.41 25.62
N SER F 18 -9.24 10.08 24.45
CA SER F 18 -8.04 10.36 23.65
C SER F 18 -7.27 11.54 24.23
N TYR F 19 -7.95 12.63 24.60
CA TYR F 19 -7.33 13.94 24.94
C TYR F 19 -6.02 13.73 25.73
N CYS F 20 -4.96 14.38 25.24
CA CYS F 20 -3.62 14.49 25.88
C CYS F 20 -3.63 14.38 27.42
N HIS F 21 -3.43 13.18 27.96
CA HIS F 21 -3.27 12.93 29.42
C HIS F 21 -2.09 11.98 29.65
N PRO F 22 -1.57 11.86 30.90
CA PRO F 22 -0.68 10.78 31.24
C PRO F 22 -1.43 9.45 31.13
N ILE F 23 -0.77 8.42 30.58
CA ILE F 23 -1.27 7.03 30.44
C ILE F 23 -0.14 6.05 30.76
N GLU F 24 -0.36 5.03 31.60
CA GLU F 24 0.62 3.93 31.84
C GLU F 24 0.97 3.36 30.47
N THR F 25 2.27 3.43 30.10
CA THR F 25 2.85 2.95 28.80
C THR F 25 4.12 2.12 29.07
N LEU F 26 4.34 1.05 28.32
CA LEU F 26 5.42 0.07 28.61
C LEU F 26 6.71 0.48 27.89
N VAL F 27 7.84 0.68 28.58
CA VAL F 27 9.07 1.22 27.93
C VAL F 27 10.26 0.28 28.04
N ASP F 28 10.86 -0.09 26.90
CA ASP F 28 12.07 -0.94 26.89
C ASP F 28 13.18 -0.22 27.63
N ILE F 29 13.80 -0.91 28.58
CA ILE F 29 14.91 -0.35 29.40
C ILE F 29 16.03 0.04 28.45
N PHE F 30 16.34 -0.81 27.49
CA PHE F 30 17.49 -0.58 26.55
C PHE F 30 17.27 0.63 25.63
N GLN F 31 16.03 0.96 25.26
CA GLN F 31 15.76 2.27 24.59
C GLN F 31 16.04 3.40 25.60
N GLU F 32 15.37 3.41 26.74
CA GLU F 32 15.52 4.50 27.74
C GLU F 32 17.00 4.65 28.11
N TYR F 33 17.69 3.56 28.44
CA TYR F 33 19.15 3.54 28.73
C TYR F 33 19.89 2.81 27.62
N PRO F 34 20.36 3.51 26.56
CA PRO F 34 21.09 2.85 25.48
C PRO F 34 22.59 2.67 25.74
N ASP F 35 23.09 3.09 26.91
CA ASP F 35 24.55 3.05 27.21
C ASP F 35 24.83 1.72 27.94
N GLU F 36 23.80 0.87 28.06
CA GLU F 36 23.81 -0.34 28.88
C GLU F 36 23.93 -1.57 28.00
N ILE F 37 25.03 -1.63 27.24
CA ILE F 37 25.17 -2.55 26.06
C ILE F 37 25.52 -3.95 26.59
N GLU F 38 26.23 -4.04 27.73
CA GLU F 38 26.79 -5.35 28.22
C GLU F 38 25.71 -6.10 29.03
N TYR F 39 24.54 -5.48 29.28
CA TYR F 39 23.40 -6.10 29.98
C TYR F 39 22.13 -6.29 29.11
N ILE F 40 21.50 -7.43 29.42
CA ILE F 40 20.05 -7.70 29.24
C ILE F 40 19.40 -7.23 30.55
N PHE F 41 18.08 -7.13 30.59
CA PHE F 41 17.33 -6.77 31.80
C PHE F 41 16.13 -7.69 31.85
N LYS F 42 15.66 -8.02 33.05
CA LYS F 42 14.39 -8.76 33.29
C LYS F 42 13.63 -7.95 34.35
N PRO F 43 12.46 -7.37 34.01
CA PRO F 43 11.89 -7.45 32.68
C PRO F 43 12.71 -6.66 31.65
N SER F 44 12.31 -6.72 30.36
CA SER F 44 12.99 -6.06 29.22
C SER F 44 12.54 -4.59 29.10
N CYS F 45 11.74 -4.13 30.05
CA CYS F 45 10.52 -3.34 29.75
C CYS F 45 9.75 -3.04 31.06
N VAL F 46 9.22 -1.82 31.22
CA VAL F 46 8.63 -1.37 32.52
C VAL F 46 7.44 -0.45 32.28
N PRO F 47 6.50 -0.36 33.25
CA PRO F 47 5.31 0.45 33.12
C PRO F 47 5.63 1.84 33.68
N LEU F 48 5.52 2.84 32.80
CA LEU F 48 5.82 4.25 33.11
C LEU F 48 4.67 5.09 32.59
N MET F 49 4.23 5.98 33.47
CA MET F 49 3.25 7.05 33.17
C MET F 49 3.94 7.98 32.17
N ARG F 50 3.31 8.18 31.02
CA ARG F 50 3.90 8.95 29.89
C ARG F 50 2.78 9.67 29.13
N CYS F 51 2.99 10.94 28.76
CA CYS F 51 2.02 11.74 28.00
C CYS F 51 1.71 10.99 26.69
N GLY F 52 0.41 10.90 26.38
CA GLY F 52 -0.14 10.32 25.13
C GLY F 52 -1.47 10.98 24.80
N GLY F 53 -1.81 11.11 23.51
CA GLY F 53 -3.18 11.41 23.06
C GLY F 53 -3.27 12.60 22.11
N CYS F 54 -4.41 12.68 21.40
CA CYS F 54 -4.89 13.78 20.50
C CYS F 54 -4.67 15.18 21.09
N CYS F 55 -4.55 16.17 20.21
CA CYS F 55 -4.86 17.58 20.53
C CYS F 55 -5.93 18.10 19.54
N ASN F 56 -6.72 19.08 20.00
CA ASN F 56 -7.85 19.70 19.28
C ASN F 56 -7.39 20.10 17.87
N ASP F 57 -6.19 20.66 17.76
CA ASP F 57 -5.69 21.24 16.49
C ASP F 57 -4.43 20.48 16.10
N GLU F 58 -4.26 20.15 14.82
CA GLU F 58 -3.01 19.51 14.30
C GLU F 58 -1.80 20.44 14.54
N GLY F 59 -2.03 21.71 14.87
CA GLY F 59 -0.96 22.66 15.23
C GLY F 59 -0.34 22.35 16.58
N LEU F 60 -1.16 21.94 17.55
CA LEU F 60 -0.68 21.67 18.93
C LEU F 60 -0.01 20.29 18.98
N GLU F 61 0.65 19.98 20.09
CA GLU F 61 1.41 18.72 20.34
C GLU F 61 1.35 18.44 21.84
N CYS F 62 1.27 17.18 22.24
CA CYS F 62 0.88 16.81 23.61
C CYS F 62 2.14 16.59 24.45
N VAL F 63 2.40 17.41 25.48
CA VAL F 63 3.77 17.44 26.10
C VAL F 63 3.71 17.40 27.62
N PRO F 64 4.78 16.92 28.28
CA PRO F 64 4.85 16.96 29.74
C PRO F 64 4.96 18.39 30.30
N THR F 65 4.60 18.62 31.56
CA THR F 65 4.87 19.87 32.31
C THR F 65 5.60 19.55 33.62
N GLU F 66 5.10 18.59 34.41
CA GLU F 66 5.74 18.05 35.63
C GLU F 66 6.30 16.65 35.31
N GLU F 67 7.53 16.41 35.75
CA GLU F 67 8.29 15.15 35.49
C GLU F 67 8.86 14.69 36.83
N SER F 68 9.02 13.38 37.02
CA SER F 68 9.53 12.81 38.29
C SER F 68 10.27 11.49 38.02
N ASN F 69 11.09 11.08 39.00
CA ASN F 69 11.87 9.82 39.03
C ASN F 69 11.19 8.77 39.90
N ILE F 70 11.09 7.54 39.40
CA ILE F 70 10.46 6.38 40.10
C ILE F 70 11.48 5.24 40.10
N THR F 71 12.03 4.86 41.26
CA THR F 71 13.06 3.79 41.37
C THR F 71 12.33 2.45 41.34
N MET F 72 12.89 1.45 40.62
CA MET F 72 12.29 0.09 40.49
C MET F 72 13.41 -0.95 40.52
N GLN F 73 13.09 -2.17 40.94
CA GLN F 73 14.10 -3.25 41.06
C GLN F 73 14.10 -4.09 39.78
N ILE F 74 15.28 -4.32 39.20
CA ILE F 74 15.43 -4.87 37.83
C ILE F 74 16.55 -5.89 37.82
N MET F 75 16.26 -7.13 37.43
CA MET F 75 17.35 -8.13 37.25
C MET F 75 18.24 -7.62 36.12
N ARG F 76 19.52 -7.45 36.42
CA ARG F 76 20.58 -7.01 35.48
C ARG F 76 21.44 -8.24 35.16
N ILE F 77 21.43 -8.72 33.91
CA ILE F 77 22.19 -9.92 33.47
C ILE F 77 23.31 -9.54 32.51
N LYS F 78 24.53 -9.93 32.85
CA LYS F 78 25.66 -10.15 31.89
C LYS F 78 25.64 -11.60 31.44
N PRO F 79 25.31 -11.91 30.18
CA PRO F 79 25.02 -13.31 29.84
C PRO F 79 26.25 -14.20 30.05
N HIS F 80 26.00 -15.49 30.31
CA HIS F 80 27.04 -16.50 30.57
C HIS F 80 27.83 -16.13 31.81
N GLN F 81 27.26 -15.24 32.63
CA GLN F 81 27.96 -14.66 33.76
C GLN F 81 26.97 -14.35 34.89
N GLY F 82 25.68 -14.74 34.74
CA GLY F 82 24.58 -14.41 35.68
C GLY F 82 24.64 -12.94 36.16
N GLN F 83 24.18 -12.62 37.38
CA GLN F 83 23.39 -11.38 37.54
C GLN F 83 23.34 -10.85 38.98
N HIS F 84 22.45 -9.88 39.18
CA HIS F 84 22.12 -9.17 40.44
C HIS F 84 20.84 -8.38 40.17
N ILE F 85 19.77 -8.55 40.94
CA ILE F 85 18.69 -7.52 41.03
C ILE F 85 19.32 -6.25 41.62
N GLY F 86 18.90 -5.10 41.15
CA GLY F 86 19.38 -3.79 41.65
C GLY F 86 18.35 -2.73 41.37
N GLU F 87 18.52 -1.56 41.98
CA GLU F 87 17.58 -0.43 41.83
C GLU F 87 17.88 0.22 40.48
N MET F 88 16.91 0.92 39.88
CA MET F 88 17.09 1.67 38.63
C MET F 88 16.07 2.80 38.59
N SER F 89 16.47 4.04 38.34
CA SER F 89 15.53 5.20 38.27
C SER F 89 14.97 5.40 36.84
N PHE F 90 13.71 5.83 36.77
CA PHE F 90 12.98 6.02 35.49
C PHE F 90 12.22 7.34 35.45
N LEU F 91 12.11 7.96 34.28
CA LEU F 91 11.43 9.26 34.09
C LEU F 91 9.94 8.99 33.86
N GLN F 92 9.08 9.72 34.57
CA GLN F 92 7.60 9.64 34.52
C GLN F 92 6.96 11.01 34.37
N HIS F 93 6.05 11.17 33.42
CA HIS F 93 5.27 12.42 33.20
C HIS F 93 4.02 12.44 34.06
N ASN F 94 3.96 13.34 35.06
CA ASN F 94 2.85 13.43 36.05
C ASN F 94 1.73 14.30 35.52
N LYS F 95 2.04 15.35 34.78
CA LYS F 95 1.01 16.28 34.30
C LYS F 95 1.37 16.65 32.87
N CYS F 96 0.39 16.53 31.98
CA CYS F 96 0.49 16.80 30.53
C CYS F 96 -0.44 17.98 30.18
N GLU F 97 -0.17 18.67 29.06
CA GLU F 97 -1.19 19.54 28.40
C GLU F 97 -0.78 19.84 26.95
N CYS F 98 -1.77 20.05 26.10
CA CYS F 98 -1.60 20.38 24.66
C CYS F 98 -0.96 21.76 24.50
N ARG F 99 0.11 21.86 23.72
CA ARG F 99 0.86 23.14 23.55
C ARG F 99 1.44 23.21 22.14
N PRO F 100 1.64 24.42 21.59
CA PRO F 100 2.31 24.55 20.29
C PRO F 100 3.77 24.05 20.24
N LYS F 101 4.26 23.46 19.16
CA LYS F 101 5.74 23.30 18.97
C LYS F 101 6.18 23.61 17.54
N LYS F 102 7.42 24.09 17.36
CA LYS F 102 8.14 24.21 16.05
C LYS F 102 8.51 22.82 15.53
N DPN G 5 32.98 -20.84 24.16
CA DPN G 5 31.70 -20.36 24.77
C DPN G 5 30.61 -20.46 23.70
O DPN G 5 30.92 -20.34 22.52
CB DPN G 5 31.41 -21.08 26.09
CG DPN G 5 32.31 -22.24 26.42
CD1 DPN G 5 33.62 -22.04 26.84
CD2 DPN G 5 31.83 -23.54 26.35
CE1 DPN G 5 34.44 -23.13 27.17
CE2 DPN G 5 32.65 -24.62 26.68
CZ DPN G 5 33.95 -24.40 27.09
N DSG G 6 29.34 -20.59 24.12
CA DSG G 6 28.34 -21.27 23.32
C DSG G 6 27.76 -20.35 22.24
O DSG G 6 28.21 -19.21 22.04
CB DSG G 6 28.90 -22.59 22.73
CG DSG G 6 29.58 -23.51 23.74
OD1 DSG G 6 30.80 -23.58 23.78
ND2 DSG G 6 28.81 -24.28 24.50
N DLY G 7 26.79 -20.88 21.48
CA DLY G 7 25.81 -20.11 20.73
C DLY G 7 26.41 -19.44 19.50
O DLY G 7 25.74 -18.68 18.82
CB DLY G 7 24.66 -21.02 20.30
CG DLY G 7 24.97 -21.99 19.17
CD DLY G 7 23.71 -22.60 18.58
CE DLY G 7 22.83 -23.26 19.61
NZ DLY G 7 23.06 -24.71 19.64
N DGL G 8 27.65 -19.84 19.21
CA DGL G 8 28.55 -19.08 18.36
C DGL G 8 28.41 -17.59 18.65
O DGL G 8 27.90 -16.81 17.83
CB DGL G 8 29.97 -19.59 18.64
CG DGL G 8 30.81 -20.03 17.44
CD DGL G 8 30.27 -19.86 16.03
OE1 DGL G 8 30.90 -19.15 15.22
OE2 DGL G 8 29.25 -20.50 15.72
N DTR G 9 28.82 -17.21 19.88
CA DTR G 9 29.03 -15.82 20.27
CB DTR G 9 30.17 -15.76 21.33
CG DTR G 9 29.93 -15.14 22.68
CD1 DTR G 9 29.43 -13.90 22.97
NE1 DTR G 9 29.39 -13.70 24.32
CE2 DTR G 9 29.90 -14.80 24.95
CZ2 DTR G 9 30.08 -15.07 26.30
CH2 DTR G 9 30.63 -16.28 26.65
CZ3 DTR G 9 31.00 -17.20 25.69
CE3 DTR G 9 30.83 -16.94 24.33
CD2 DTR G 9 30.27 -15.72 23.95
C DTR G 9 27.69 -15.17 20.64
O DTR G 9 27.52 -13.95 20.56
N DAS G 10 26.71 -16.00 20.95
CA DAS G 10 25.37 -15.51 21.21
C DAS G 10 24.93 -14.62 20.06
O DAS G 10 24.37 -13.54 20.29
CB DAS G 10 24.36 -16.64 21.42
CG DAS G 10 24.09 -16.89 22.89
OD1 DAS G 10 24.83 -17.69 23.49
OD2 DAS G 10 23.18 -16.21 23.41
N DSG G 11 25.21 -15.06 18.82
CA DSG G 11 24.85 -14.24 17.68
C DSG G 11 25.79 -13.04 17.56
O DSG G 11 25.33 -11.92 17.30
CB DSG G 11 24.76 -15.02 16.37
CG DSG G 11 24.04 -14.22 15.29
OD1 DSG G 11 22.97 -13.66 15.56
ND2 DSG G 11 24.62 -14.13 14.10
N DAL G 12 27.10 -13.26 17.79
CA DAL G 12 28.04 -12.16 17.64
CB DAL G 12 29.44 -12.68 17.84
C DAL G 12 27.66 -11.05 18.61
O DAL G 12 27.77 -9.86 18.27
N DTR G 13 27.16 -11.43 19.80
CA DTR G 13 26.82 -10.49 20.85
CB DTR G 13 26.37 -11.23 22.13
CG DTR G 13 26.38 -10.31 23.30
CD1 DTR G 13 27.46 -9.62 23.80
NE1 DTR G 13 27.10 -8.87 24.87
CE2 DTR G 13 25.76 -9.06 25.10
CZ2 DTR G 13 24.96 -8.52 26.09
CH2 DTR G 13 23.63 -8.89 26.07
CZ3 DTR G 13 23.12 -9.76 25.12
CE3 DTR G 13 23.93 -10.31 24.16
CD2 DTR G 13 25.27 -9.94 24.14
C DTR G 13 25.68 -9.57 20.43
O DTR G 13 25.86 -8.36 20.39
N DAR G 14 24.53 -10.18 20.16
CA DAR G 14 23.35 -9.45 19.76
CB DAR G 14 22.20 -10.40 19.47
CG DAR G 14 21.29 -10.65 20.66
CD DAR G 14 20.08 -11.51 20.31
NE DAR G 14 20.36 -12.55 19.31
CZ DAR G 14 20.18 -12.43 17.99
NH1 DAR G 14 18.96 -12.25 17.50
NH2 DAR G 14 21.22 -12.50 17.18
C DAR G 14 23.75 -8.55 18.57
O DAR G 14 23.44 -7.35 18.56
N DGL G 15 24.46 -9.14 17.60
CA DGL G 15 24.91 -8.43 16.41
C DGL G 15 25.64 -7.15 16.81
O DGL G 15 25.16 -6.04 16.53
CB DGL G 15 25.79 -9.30 15.53
CG DGL G 15 25.01 -10.23 14.59
CD DGL G 15 24.99 -9.82 13.13
OE1 DGL G 15 25.19 -10.71 12.24
OE2 DGL G 15 24.82 -8.60 12.85
N DIL G 16 26.79 -7.32 17.51
CA DIL G 16 27.71 -6.23 17.77
C DIL G 16 26.96 -5.09 18.48
O DIL G 16 27.17 -3.91 18.22
CB DIL G 16 28.95 -6.71 18.55
CG1 DIL G 16 29.96 -7.43 17.65
CG2 DIL G 16 29.64 -5.56 19.29
CD1 DIL G 16 30.80 -8.45 18.37
N DAR G 17 26.11 -5.46 19.42
CA DAR G 17 25.35 -4.48 20.16
CB DAR G 17 24.33 -5.22 21.04
CG DAR G 17 24.79 -5.42 22.47
CD DAR G 17 23.65 -5.10 23.37
NE DAR G 17 23.02 -6.27 23.88
CZ DAR G 17 21.97 -6.22 24.67
NH1 DAR G 17 21.18 -5.15 24.69
NH2 DAR G 17 21.70 -7.27 25.44
C DAR G 17 24.66 -3.49 19.22
O DAR G 17 24.80 -2.28 19.42
N DHI G 18 23.96 -4.01 18.19
CA DHI G 18 23.03 -3.19 17.40
C DHI G 18 23.69 -2.48 16.20
O DHI G 18 23.01 -1.66 15.60
CB DHI G 18 21.80 -4.01 17.02
CG DHI G 18 20.75 -3.94 18.07
ND1 DHI G 18 20.42 -5.03 18.86
CD2 DHI G 18 19.99 -2.92 18.52
CE1 DHI G 18 19.73 -4.62 19.90
NE2 DHI G 18 19.29 -3.38 19.61
N DLE G 19 24.96 -2.70 15.90
CA DLE G 19 25.65 -1.99 14.82
CB DLE G 19 27.15 -2.27 14.82
CG DLE G 19 27.64 -3.69 14.51
CD1 DLE G 19 26.54 -4.60 14.00
CD2 DLE G 19 28.81 -3.64 13.55
C DLE G 19 25.46 -0.49 15.02
O DLE G 19 25.95 0.05 15.98
N DPR G 20 24.86 0.25 14.07
CA DPR G 20 24.52 1.67 14.28
CB DPR G 20 23.46 1.90 13.20
CG DPR G 20 23.95 1.01 12.10
CD DPR G 20 24.29 -0.27 12.81
C DPR G 20 25.53 2.80 14.14
O DPR G 20 25.22 3.88 14.64
N DSG G 21 26.69 2.55 13.49
CA DSG G 21 27.71 3.58 13.29
C DSG G 21 28.85 3.49 14.32
O DSG G 21 29.66 4.43 14.45
CB DSG G 21 28.33 3.51 11.90
CG DSG G 21 27.29 3.61 10.81
OD1 DSG G 21 26.38 4.43 10.93
ND2 DSG G 21 27.42 2.79 9.78
N DLE G 22 28.90 2.33 15.02
CA DLE G 22 29.86 2.06 16.06
CB DLE G 22 29.75 0.59 16.46
CG DLE G 22 30.51 -0.40 15.59
CD1 DLE G 22 31.91 0.10 15.26
CD2 DLE G 22 30.60 -1.75 16.27
C DLE G 22 29.55 2.94 17.26
O DLE G 22 28.43 2.88 17.76
N DSG G 23 30.56 3.71 17.68
CA DSG G 23 30.49 4.47 18.90
C DSG G 23 30.36 3.52 20.09
O DSG G 23 30.93 2.42 20.08
CB DSG G 23 31.74 5.33 19.05
CG DSG G 23 31.93 6.37 17.97
OD1 DSG G 23 32.62 6.12 16.98
ND2 DSG G 23 31.42 7.57 18.21
N DLE G 24 29.65 3.98 21.14
CA DLE G 24 29.34 3.19 22.32
CB DLE G 24 28.86 4.12 23.44
CG DLE G 24 27.93 3.50 24.49
CD1 DLE G 24 28.55 2.29 25.16
CD2 DLE G 24 27.53 4.55 25.50
C DLE G 24 30.55 2.41 22.82
O DLE G 24 30.47 1.19 23.02
N DGL G 25 31.65 3.13 23.08
CA DGL G 25 32.78 2.51 23.74
C DGL G 25 33.20 1.29 22.93
O DGL G 25 33.43 0.22 23.49
CB DGL G 25 33.88 3.54 23.95
CG DGL G 25 33.72 4.37 25.21
CD DGL G 25 33.38 3.58 26.48
OE1 DGL G 25 34.33 3.00 27.08
OE2 DGL G 25 32.18 3.53 26.85
N DGN G 26 33.22 1.46 21.59
CA DGN G 26 33.63 0.44 20.66
C DGN G 26 32.80 -0.81 20.96
O DGN G 26 33.39 -1.85 21.30
CB DGN G 26 33.45 0.90 19.20
CG DGN G 26 34.67 1.58 18.56
CD DGN G 26 34.36 2.55 17.44
OE1 DGN G 26 33.21 2.93 17.16
NE2 DGN G 26 35.41 3.00 16.78
N DLY G 27 31.46 -0.68 20.88
CA DLY G 27 30.58 -1.82 21.13
C DLY G 27 30.97 -2.54 22.44
O DLY G 27 30.86 -3.77 22.55
CB DLY G 27 29.12 -1.40 21.28
CG DLY G 27 28.48 -0.48 20.24
CD DLY G 27 26.99 -0.76 20.05
CE DLY G 27 26.37 0.12 19.00
NZ DLY G 27 26.07 1.48 19.51
N DAR G 28 31.42 -1.77 23.45
CA DAR G 28 31.94 -2.38 24.65
CB DAR G 28 32.17 -1.35 25.77
CG DAR G 28 32.19 -1.96 27.16
CD DAR G 28 32.32 -0.90 28.23
NE DAR G 28 31.02 -0.28 28.45
CZ DAR G 28 30.80 1.02 28.38
NH1 DAR G 28 29.56 1.47 28.51
NH2 DAR G 28 31.83 1.83 28.19
C DAR G 28 33.27 -3.09 24.39
O DAR G 28 33.46 -4.24 24.81
N DAL G 29 34.20 -2.40 23.72
CA DAL G 29 35.51 -2.99 23.53
CB DAL G 29 36.36 -2.04 22.75
C DAL G 29 35.40 -4.36 22.86
O DAL G 29 36.10 -5.28 23.26
N DPN G 30 34.47 -4.52 21.91
CA DPN G 30 34.26 -5.81 21.27
C DPN G 30 33.79 -6.85 22.28
O DPN G 30 34.40 -7.94 22.45
CB DPN G 30 33.33 -5.69 20.07
CG DPN G 30 34.01 -5.20 18.81
CD1 DPN G 30 34.88 -6.02 18.11
CD2 DPN G 30 33.86 -3.90 18.38
CE1 DPN G 30 35.53 -5.57 16.97
CE2 DPN G 30 34.58 -3.43 17.30
CZ DPN G 30 35.39 -4.27 16.58
N DIL G 31 32.70 -6.49 22.97
CA DIL G 31 32.04 -7.37 23.92
C DIL G 31 33.01 -7.89 25.01
O DIL G 31 32.91 -9.03 25.51
CB DIL G 31 30.86 -6.67 24.58
CG1 DIL G 31 29.98 -5.87 23.62
CG2 DIL G 31 30.08 -7.73 25.33
CD1 DIL G 31 28.49 -5.85 24.04
N DSN G 32 33.98 -7.03 25.39
CA DSN G 32 34.97 -7.49 26.34
C DSN G 32 35.84 -8.53 25.69
O DSN G 32 36.03 -9.59 26.23
CB DSN G 32 35.72 -6.32 26.89
OG DSN G 32 34.85 -5.69 27.84
N DSN G 33 36.28 -8.24 24.45
CA DSN G 33 37.05 -9.20 23.66
C DSN G 33 36.28 -10.52 23.54
O DSN G 33 36.89 -11.58 23.72
CB DSN G 33 37.40 -8.64 22.32
OG DSN G 33 38.43 -7.68 22.44
N DLE G 34 34.96 -10.44 23.30
CA DLE G 34 34.08 -11.61 23.18
CB DLE G 34 32.65 -11.08 22.98
CG DLE G 34 31.87 -11.52 21.75
CD1 DLE G 34 31.28 -10.32 21.00
CD2 DLE G 34 32.68 -12.37 20.77
C DLE G 34 34.14 -12.56 24.39
O DLE G 34 33.87 -13.76 24.22
N DTY G 35 34.40 -12.02 25.60
CA DTY G 35 34.37 -12.80 26.85
C DTY G 35 35.77 -13.35 27.08
O DTY G 35 35.99 -14.38 27.71
CB DTY G 35 33.92 -11.95 28.08
CG DTY G 35 32.45 -11.77 28.28
CD1 DTY G 35 31.75 -10.73 27.67
CD2 DTY G 35 31.72 -12.64 29.06
CE1 DTY G 35 30.38 -10.59 27.79
CE2 DTY G 35 30.34 -12.54 29.19
CZ DTY G 35 29.67 -11.49 28.56
OH DTY G 35 28.32 -11.34 28.71
N DAS G 36 36.72 -12.56 26.59
CA DAS G 36 38.13 -12.75 26.80
C DAS G 36 38.63 -13.90 25.94
O DAS G 36 39.44 -14.70 26.41
CB DAS G 36 38.83 -11.47 26.39
CG DAS G 36 39.62 -10.84 27.51
OD1 DAS G 36 40.21 -11.64 28.25
OD2 DAS G 36 39.64 -9.60 27.61
N DAS G 37 38.13 -13.97 24.69
CA DAS G 37 38.56 -14.97 23.72
C DAS G 37 37.33 -15.47 22.97
O DAS G 37 37.08 -15.05 21.84
CB DAS G 37 39.63 -14.39 22.78
CG DAS G 37 40.32 -13.15 23.34
OD1 DAS G 37 41.18 -13.31 24.22
OD2 DAS G 37 39.97 -12.02 22.89
N DPR G 38 36.48 -16.34 23.57
CA DPR G 38 35.17 -16.64 23.01
CB DPR G 38 34.45 -17.45 24.09
CG DPR G 38 35.55 -17.96 25.04
CD DPR G 38 36.75 -17.06 24.83
C DPR G 38 35.28 -17.39 21.67
O DPR G 38 34.62 -17.03 20.69
N DSN G 39 36.11 -18.45 21.63
CA DSN G 39 36.59 -18.96 20.35
C DSN G 39 37.23 -17.79 19.62
O DSN G 39 38.06 -17.12 20.23
CB DSN G 39 37.55 -20.10 20.52
OG DSN G 39 38.66 -19.70 21.31
N DGN G 40 36.80 -17.52 18.39
CA DGN G 40 37.03 -16.25 17.72
C DGN G 40 35.86 -15.30 17.96
O DGN G 40 36.03 -14.10 17.93
CB DGN G 40 38.35 -15.55 18.09
CG DGN G 40 39.63 -16.36 17.85
CD DGN G 40 40.86 -15.50 17.93
OE1 DGN G 40 40.99 -14.65 18.82
NE2 DGN G 40 41.80 -15.71 17.02
N DSN G 41 34.66 -15.86 18.11
CA DSN G 41 33.41 -15.10 18.03
C DSN G 41 33.27 -14.41 16.67
O DSN G 41 33.33 -13.17 16.58
CB DSN G 41 32.22 -15.99 18.33
OG DSN G 41 32.60 -17.09 19.18
N DAL G 42 33.09 -15.23 15.62
CA DAL G 42 32.86 -14.75 14.26
CB DAL G 42 32.75 -15.93 13.31
C DAL G 42 33.96 -13.80 13.79
O DAL G 42 33.71 -12.83 13.06
N DSG G 43 35.20 -14.13 14.21
CA DSG G 43 36.34 -13.25 14.05
C DSG G 43 35.95 -11.79 14.31
O DSG G 43 36.04 -10.96 13.39
CB DSG G 43 37.45 -13.72 15.02
CG DSG G 43 38.80 -13.93 14.38
OD1 DSG G 43 39.28 -13.08 13.61
ND2 DSG G 43 39.43 -15.05 14.72
N DLE G 44 35.50 -11.49 15.55
CA DLE G 44 35.38 -10.11 16.03
CB DLE G 44 35.35 -10.08 17.57
CG DLE G 44 36.44 -10.86 18.31
CD1 DLE G 44 37.64 -9.99 18.65
CD2 DLE G 44 35.87 -11.45 19.54
C DLE G 44 34.12 -9.45 15.46
O DLE G 44 34.11 -8.24 15.19
N DLE G 45 33.10 -10.30 15.30
CA DLE G 45 31.95 -9.96 14.45
CB DLE G 45 31.17 -11.22 14.08
CG DLE G 45 29.65 -11.00 14.17
CD1 DLE G 45 29.21 -9.68 13.51
CD2 DLE G 45 28.85 -12.17 13.59
C DLE G 45 32.37 -9.23 13.18
O DLE G 45 31.93 -8.10 12.90
N DAL G 46 33.22 -9.89 12.39
CA DAL G 46 33.59 -9.37 11.08
CB DAL G 46 34.55 -10.32 10.41
C DAL G 46 34.19 -7.96 11.20
O DAL G 46 33.85 -7.06 10.39
N DGL G 47 35.03 -7.79 12.23
CA DGL G 47 35.91 -6.65 12.32
C DGL G 47 35.10 -5.45 12.81
O DGL G 47 35.48 -4.28 12.60
CB DGL G 47 37.10 -6.95 13.22
CG DGL G 47 37.33 -8.43 13.47
CD DGL G 47 38.63 -8.70 14.23
OE1 DGL G 47 38.65 -9.53 15.19
OE2 DGL G 47 39.63 -8.02 13.88
N DAL G 48 33.95 -5.75 13.44
CA DAL G 48 33.03 -4.70 13.84
CB DAL G 48 32.09 -5.24 14.86
C DAL G 48 32.31 -4.16 12.62
O DAL G 48 32.38 -2.98 12.27
N DLY G 49 31.62 -5.08 11.94
CA DLY G 49 30.90 -4.74 10.73
C DLY G 49 31.79 -3.89 9.83
O DLY G 49 31.33 -2.89 9.27
CB DLY G 49 30.47 -6.03 10.06
CG DLY G 49 29.41 -6.82 10.81
CD DLY G 49 28.56 -7.68 9.89
CE DLY G 49 27.57 -8.56 10.61
NZ DLY G 49 27.82 -10.00 10.30
N DLY G 50 33.06 -4.30 9.72
CA DLY G 50 33.99 -3.54 8.90
C DLY G 50 34.10 -2.12 9.46
O DLY G 50 34.01 -1.13 8.71
CB DLY G 50 35.35 -4.25 8.81
CG DLY G 50 36.44 -3.46 8.09
CD DLY G 50 36.21 -3.21 6.57
CE DLY G 50 36.62 -1.82 6.06
NZ DLY G 50 38.06 -1.51 6.30
N DLE G 51 34.25 -2.04 10.79
CA DLE G 51 34.43 -0.77 11.46
CB DLE G 51 34.85 -1.09 12.90
CG DLE G 51 35.68 -0.03 13.64
CD1 DLE G 51 37.10 0.05 13.08
CD2 DLE G 51 35.02 1.35 13.63
C DLE G 51 33.15 0.05 11.38
O DLE G 51 33.20 1.30 11.28
N DSG G 52 32.00 -0.65 11.43
CA DSG G 52 30.71 0.00 11.26
C DSG G 52 30.55 0.50 9.83
O DSG G 52 30.21 1.68 9.63
CB DSG G 52 29.53 -0.92 11.64
CG DSG G 52 28.20 -0.47 11.06
OD1 DSG G 52 27.46 0.32 11.65
ND2 DSG G 52 27.89 -0.97 9.88
N DAS G 53 30.79 -0.37 8.84
CA DAS G 53 30.69 0.07 7.46
C DAS G 53 31.61 1.27 7.25
O DAS G 53 31.22 2.22 6.56
CB DAS G 53 30.82 -1.07 6.47
CG DAS G 53 29.44 -1.71 6.39
OD1 DAS G 53 29.28 -2.91 6.70
OD2 DAS G 53 28.47 -0.93 6.11
N DAL G 54 32.80 1.23 7.87
CA DAL G 54 33.76 2.30 7.75
CB DAL G 54 34.98 1.97 8.57
C DAL G 54 33.14 3.63 8.16
O DAL G 54 33.25 4.63 7.46
N DGN G 55 32.44 3.62 9.31
CA DGN G 55 32.13 4.83 10.05
C DGN G 55 30.93 5.59 9.47
O DGN G 55 30.72 6.75 9.82
CB DGN G 55 31.84 4.45 11.50
CG DGN G 55 32.65 5.21 12.55
CD DGN G 55 33.14 4.27 13.62
OE1 DGN G 55 34.32 4.21 13.90
NE2 DGN G 55 32.21 3.49 14.17
N DAL G 56 30.18 4.96 8.53
CA DAL G 56 28.88 5.45 8.09
CB DAL G 56 28.24 4.43 7.18
C DAL G 56 29.02 6.84 7.44
O DAL G 56 30.12 7.26 7.03
N DPR G 57 27.93 7.63 7.29
CA DPR G 57 27.97 8.85 6.46
CB DPR G 57 26.85 9.71 7.05
CG DPR G 57 25.83 8.68 7.46
CD DPR G 57 26.61 7.45 7.92
C DPR G 57 27.71 8.53 4.97
O DPR G 57 28.53 8.93 4.14
N DPN H 5 -7.03 28.82 -1.94
CA DPN H 5 -7.35 28.67 -0.51
C DPN H 5 -6.11 29.05 0.31
O DPN H 5 -5.07 29.45 -0.23
CB DPN H 5 -8.59 29.52 -0.15
CG DPN H 5 -9.07 30.49 -1.20
CD1 DPN H 5 -8.29 31.57 -1.60
CD2 DPN H 5 -10.31 30.32 -1.80
CE1 DPN H 5 -8.75 32.45 -2.58
CE2 DPN H 5 -10.76 31.21 -2.78
CZ DPN H 5 -9.98 32.26 -3.17
N DSG H 6 -6.22 28.87 1.63
CA DSG H 6 -5.46 29.65 2.59
C DSG H 6 -4.00 29.16 2.72
O DSG H 6 -3.61 28.21 2.05
CB DSG H 6 -5.58 31.14 2.25
CG DSG H 6 -7.03 31.61 2.10
OD1 DSG H 6 -7.93 31.17 2.82
ND2 DSG H 6 -7.29 32.50 1.15
N DLY H 7 -3.24 29.82 3.59
CA DLY H 7 -2.21 29.16 4.41
C DLY H 7 -0.97 28.83 3.59
O DLY H 7 -0.04 28.19 4.08
CB DLY H 7 -1.82 30.05 5.59
CG DLY H 7 -1.64 29.32 6.92
CD DLY H 7 -0.92 30.13 7.99
CE DLY H 7 -1.35 31.58 8.06
NZ DLY H 7 -0.52 32.47 7.19
N DGL H 8 -0.94 29.38 2.37
CA DGL H 8 -0.07 28.90 1.30
C DGL H 8 -0.03 27.37 1.32
O DGL H 8 0.99 26.77 1.64
CB DGL H 8 -0.61 29.43 -0.04
CG DGL H 8 0.36 30.26 -0.88
CD DGL H 8 1.86 30.18 -0.61
OE1 DGL H 8 2.40 29.05 -0.53
OE2 DGL H 8 2.48 31.24 -0.51
N DTR H 9 -1.19 26.77 1.03
CA DTR H 9 -1.31 25.34 0.72
CB DTR H 9 -2.47 25.09 -0.24
CG DTR H 9 -3.82 24.73 0.33
CD1 DTR H 9 -4.42 25.15 1.49
NE1 DTR H 9 -5.66 24.60 1.61
CE2 DTR H 9 -5.92 23.84 0.50
CZ2 DTR H 9 -7.06 23.09 0.16
CH2 DTR H 9 -7.02 22.41 -1.04
CZ3 DTR H 9 -5.90 22.45 -1.87
CE3 DTR H 9 -4.79 23.18 -1.54
CD2 DTR H 9 -4.78 23.89 -0.33
C DTR H 9 -1.36 24.53 2.03
O DTR H 9 -1.05 23.35 2.04
N DAS H 10 -1.67 25.20 3.14
CA DAS H 10 -1.59 24.53 4.43
C DAS H 10 -0.22 23.89 4.59
O DAS H 10 -0.11 22.77 5.05
CB DAS H 10 -1.97 25.49 5.56
CG DAS H 10 -3.32 25.14 6.16
OD1 DAS H 10 -3.31 24.51 7.22
OD2 DAS H 10 -4.36 25.42 5.53
N DSG H 11 0.83 24.61 4.18
CA DSG H 11 2.15 24.01 4.26
C DSG H 11 2.34 22.97 3.15
O DSG H 11 2.91 21.92 3.39
CB DSG H 11 3.29 25.04 4.29
CG DSG H 11 4.58 24.40 4.76
OD1 DSG H 11 4.59 23.65 5.74
ND2 DSG H 11 5.67 24.67 4.07
N DAL H 12 1.84 23.24 1.93
CA DAL H 12 2.00 22.26 0.85
CB DAL H 12 1.45 22.81 -0.44
C DAL H 12 1.35 20.94 1.25
O DAL H 12 1.87 19.88 0.93
N DTR H 13 0.24 21.01 2.00
CA DTR H 13 -0.50 19.84 2.43
CB DTR H 13 -1.77 20.30 3.17
CG DTR H 13 -2.58 19.22 3.83
CD1 DTR H 13 -2.65 18.90 5.16
NE1 DTR H 13 -3.53 17.86 5.36
CE2 DTR H 13 -4.03 17.49 4.14
CZ2 DTR H 13 -4.92 16.49 3.81
CH2 DTR H 13 -5.26 16.36 2.48
CZ3 DTR H 13 -4.71 17.18 1.49
CE3 DTR H 13 -3.82 18.16 1.82
CD2 DTR H 13 -3.45 18.33 3.16
C DTR H 13 0.34 18.96 3.35
O DTR H 13 0.58 17.79 3.05
N DAR H 14 0.72 19.52 4.51
CA DAR H 14 1.53 18.83 5.50
CB DAR H 14 1.95 19.80 6.62
CG DAR H 14 0.93 20.07 7.72
CD DAR H 14 0.76 21.55 8.06
NE DAR H 14 0.80 21.82 9.50
CZ DAR H 14 -0.26 22.08 10.27
NH1 DAR H 14 -1.39 22.54 9.73
NH2 DAR H 14 -0.19 21.91 11.58
C DAR H 14 2.75 18.26 4.78
O DAR H 14 3.08 17.09 4.93
N DGL H 15 3.39 19.09 3.95
CA DGL H 15 4.59 18.70 3.20
C DGL H 15 4.31 17.44 2.40
O DGL H 15 4.95 16.42 2.66
CB DGL H 15 5.08 19.84 2.30
CG DGL H 15 5.93 20.88 3.03
CD DGL H 15 7.44 20.76 2.96
OE1 DGL H 15 7.96 19.62 2.82
OE2 DGL H 15 8.10 21.80 3.05
N DIL H 16 3.36 17.52 1.46
CA DIL H 16 3.11 16.45 0.50
C DIL H 16 2.89 15.13 1.24
O DIL H 16 3.38 14.10 0.78
CB DIL H 16 1.93 16.82 -0.45
CG1 DIL H 16 2.37 17.77 -1.57
CG2 DIL H 16 1.21 15.58 -1.00
CD1 DIL H 16 1.63 17.60 -2.89
N DAR H 17 2.13 15.17 2.33
CA DAR H 17 1.96 13.96 3.10
CB DAR H 17 0.82 14.02 4.10
CG DAR H 17 -0.40 14.80 3.64
CD DAR H 17 -1.25 15.06 4.85
NE DAR H 17 -2.29 14.06 4.92
CZ DAR H 17 -2.97 13.75 6.02
NH1 DAR H 17 -3.98 12.89 5.92
NH2 DAR H 17 -2.67 14.30 7.18
C DAR H 17 3.26 13.75 3.88
O DAR H 17 3.48 14.46 4.84
N DHI H 18 4.06 12.76 3.52
CA DHI H 18 5.50 12.71 3.81
C DHI H 18 6.16 12.21 2.53
O DHI H 18 5.72 11.23 1.97
CB DHI H 18 6.09 14.03 4.37
CG DHI H 18 6.89 13.94 5.63
ND1 DHI H 18 7.38 15.07 6.25
CD2 DHI H 18 7.31 12.89 6.39
CE1 DHI H 18 7.86 14.74 7.43
NE2 DHI H 18 7.97 13.41 7.46
N DLE H 19 7.26 12.86 2.08
CA DLE H 19 7.85 12.57 0.78
CB DLE H 19 6.93 13.14 -0.31
CG DLE H 19 7.09 14.64 -0.56
CD1 DLE H 19 6.50 15.06 -1.89
CD2 DLE H 19 6.47 15.45 0.57
C DLE H 19 8.04 11.06 0.66
O DLE H 19 7.33 10.39 -0.08
N DPR H 20 8.95 10.46 1.45
CA DPR H 20 8.90 9.02 1.74
CB DPR H 20 10.08 8.81 2.68
CG DPR H 20 10.30 10.19 3.29
CD DPR H 20 10.08 11.13 2.12
C DPR H 20 9.03 8.08 0.54
O DPR H 20 8.83 6.87 0.69
N DSG H 21 9.37 8.64 -0.63
CA DSG H 21 9.61 7.88 -1.85
C DSG H 21 8.41 7.92 -2.80
O DSG H 21 8.36 7.16 -3.78
CB DSG H 21 10.84 8.39 -2.59
CG DSG H 21 12.09 8.35 -1.74
OD1 DSG H 21 12.30 7.40 -1.00
ND2 DSG H 21 12.91 9.38 -1.84
N DLE H 22 7.46 8.82 -2.54
CA DLE H 22 6.27 8.95 -3.37
CB DLE H 22 5.59 10.28 -3.07
CG DLE H 22 6.21 11.49 -3.78
CD1 DLE H 22 6.45 11.21 -5.27
CD2 DLE H 22 5.31 12.71 -3.61
C DLE H 22 5.32 7.80 -3.09
O DLE H 22 4.98 7.55 -1.94
N DSG H 23 4.91 7.11 -4.16
CA DSG H 23 3.85 6.11 -4.09
C DSG H 23 2.54 6.78 -3.66
O DSG H 23 2.27 7.91 -4.06
CB DSG H 23 3.65 5.39 -5.43
CG DSG H 23 2.20 5.30 -5.89
OD1 DSG H 23 1.71 6.15 -6.62
ND2 DSG H 23 1.50 4.25 -5.45
N DLE H 24 1.72 6.03 -2.91
CA DLE H 24 0.45 6.52 -2.39
CB DLE H 24 -0.38 5.33 -1.89
CG DLE H 24 -1.38 5.62 -0.75
CD1 DLE H 24 -2.20 6.88 -0.96
CD2 DLE H 24 -2.30 4.42 -0.54
C DLE H 24 -0.36 7.26 -3.46
O DLE H 24 -0.80 8.39 -3.25
N DGL H 25 -0.61 6.59 -4.58
CA DGL H 25 -1.50 7.14 -5.59
C DGL H 25 -1.01 8.54 -5.97
O DGL H 25 -1.81 9.47 -6.07
CB DGL H 25 -1.64 6.20 -6.78
CG DGL H 25 -2.72 5.14 -6.60
CD DGL H 25 -4.04 5.63 -6.02
OE1 DGL H 25 -4.25 5.45 -4.80
OE2 DGL H 25 -4.86 6.17 -6.77
N DGN H 26 0.32 8.65 -6.13
CA DGN H 26 0.96 9.91 -6.51
C DGN H 26 0.49 11.00 -5.54
O DGN H 26 -0.13 11.98 -5.98
CB DGN H 26 2.49 9.79 -6.52
CG DGN H 26 3.09 9.37 -7.86
CD DGN H 26 4.46 8.74 -7.78
OE1 DGN H 26 4.89 8.24 -6.74
NE2 DGN H 26 5.17 8.77 -8.90
N DLY H 27 0.72 10.79 -4.25
CA DLY H 27 0.32 11.76 -3.24
C DLY H 27 -1.14 12.16 -3.42
O DLY H 27 -1.51 13.29 -3.14
CB DLY H 27 0.52 11.20 -1.82
CG DLY H 27 1.89 11.42 -1.19
CD DLY H 27 1.88 11.08 0.29
CE DLY H 27 3.22 10.67 0.85
NZ DLY H 27 3.67 9.35 0.35
N DAR H 28 -1.99 11.23 -3.87
CA DAR H 28 -3.36 11.57 -4.21
CB DAR H 28 -4.24 10.33 -4.42
CG DAR H 28 -5.71 10.62 -4.20
CD DAR H 28 -6.59 9.39 -4.14
NE DAR H 28 -6.41 8.66 -2.90
CZ DAR H 28 -5.97 7.40 -2.83
NH1 DAR H 28 -5.81 6.70 -3.94
NH2 DAR H 28 -5.71 6.86 -1.65
C DAR H 28 -3.40 12.42 -5.47
O DAR H 28 -4.10 13.43 -5.50
N DAL H 29 -2.69 12.02 -6.52
CA DAL H 29 -2.75 12.76 -7.77
CB DAL H 29 -1.84 12.14 -8.79
C DAL H 29 -2.44 14.24 -7.52
O DAL H 29 -3.11 15.12 -8.07
N DPN H 30 -1.46 14.52 -6.65
CA DPN H 30 -1.12 15.91 -6.33
C DPN H 30 -2.30 16.60 -5.64
O DPN H 30 -2.79 17.66 -6.08
CB DPN H 30 0.15 15.96 -5.45
CG DPN H 30 1.44 15.89 -6.22
CD1 DPN H 30 1.95 17.02 -6.86
CD2 DPN H 30 2.17 14.72 -6.31
CE1 DPN H 30 3.13 16.96 -7.57
CE2 DPN H 30 3.35 14.66 -7.01
CZ DPN H 30 3.83 15.79 -7.66
N DIL H 31 -2.79 15.97 -4.58
CA DIL H 31 -3.85 16.47 -3.72
C DIL H 31 -5.09 16.82 -4.54
O DIL H 31 -5.80 17.77 -4.21
CB DIL H 31 -4.18 15.44 -2.62
CG1 DIL H 31 -2.93 14.96 -1.88
CG2 DIL H 31 -5.25 15.95 -1.68
CD1 DIL H 31 -2.70 15.60 -0.52
N DSN H 32 -5.39 16.03 -5.59
CA DSN H 32 -6.51 16.33 -6.44
C DSN H 32 -6.22 17.64 -7.16
O DSN H 32 -7.03 18.58 -7.11
CB DSN H 32 -6.81 15.22 -7.41
OG DSN H 32 -7.96 14.47 -7.04
N DSN H 33 -5.02 17.72 -7.74
CA DSN H 33 -4.57 18.93 -8.40
C DSN H 33 -4.66 20.12 -7.45
O DSN H 33 -5.14 21.18 -7.86
CB DSN H 33 -3.18 18.76 -8.94
OG DSN H 33 -3.20 17.93 -10.10
N DLE H 34 -4.26 19.93 -6.19
CA DLE H 34 -4.26 20.95 -5.15
CB DLE H 34 -3.76 20.33 -3.84
CG DLE H 34 -2.46 20.92 -3.30
CD1 DLE H 34 -2.35 20.73 -1.81
CD2 DLE H 34 -1.28 20.30 -4.02
C DLE H 34 -5.63 21.59 -4.94
O DLE H 34 -5.68 22.75 -4.50
N DTY H 35 -6.73 20.84 -5.16
CA DTY H 35 -8.09 21.30 -4.89
C DTY H 35 -8.64 22.03 -6.11
O DTY H 35 -8.47 21.62 -7.26
CB DTY H 35 -9.02 20.18 -4.40
CG DTY H 35 -8.90 19.82 -2.94
CD1 DTY H 35 -8.10 18.75 -2.54
CD2 DTY H 35 -9.54 20.52 -1.91
CE1 DTY H 35 -7.95 18.38 -1.22
CE2 DTY H 35 -9.40 20.16 -0.58
CZ DTY H 35 -8.59 19.09 -0.22
OH DTY H 35 -8.41 18.71 1.08
N DAS H 36 -9.37 23.12 -5.83
CA DAS H 36 -9.51 24.30 -6.67
C DAS H 36 -8.17 25.05 -6.63
O DAS H 36 -7.54 25.08 -5.57
CB DAS H 36 -10.15 23.99 -8.03
CG DAS H 36 -11.25 24.97 -8.41
OD1 DAS H 36 -11.25 26.11 -7.88
OD2 DAS H 36 -12.11 24.61 -9.21
N DAS H 37 -7.75 25.69 -7.72
CA DAS H 37 -6.47 26.38 -7.76
C DAS H 37 -6.31 27.26 -6.51
O DAS H 37 -5.37 27.05 -5.76
CB DAS H 37 -5.33 25.36 -7.90
CG DAS H 37 -5.78 24.06 -8.51
OD1 DAS H 37 -6.51 23.30 -7.85
OD2 DAS H 37 -5.44 23.83 -9.68
N DPR H 38 -7.20 28.25 -6.25
CA DPR H 38 -7.08 29.08 -5.06
CB DPR H 38 -8.32 30.01 -5.08
CG DPR H 38 -8.90 29.91 -6.49
CD DPR H 38 -8.38 28.62 -7.07
C DPR H 38 -5.78 29.89 -5.04
O DPR H 38 -5.67 30.91 -5.74
N DSN H 39 -4.83 29.43 -4.23
CA DSN H 39 -3.49 30.01 -4.23
C DSN H 39 -2.70 29.40 -5.39
O DSN H 39 -2.32 30.13 -6.31
CB DSN H 39 -3.51 31.52 -4.29
OG DSN H 39 -2.20 32.05 -4.21
N DGN H 40 -2.51 28.08 -5.33
CA DGN H 40 -1.58 27.39 -6.23
C DGN H 40 -0.32 26.91 -5.48
O DGN H 40 0.48 26.19 -6.07
CB DGN H 40 -2.33 26.28 -6.97
CG DGN H 40 -1.47 25.38 -7.84
CD DGN H 40 -1.36 25.80 -9.28
OE1 DGN H 40 -2.26 26.39 -9.85
NE2 DGN H 40 -0.21 25.51 -9.83
N DSN H 41 -0.15 27.29 -4.20
CA DSN H 41 1.15 27.57 -3.61
C DSN H 41 2.09 26.37 -3.65
O DSN H 41 1.68 25.24 -3.88
CB DSN H 41 1.78 28.76 -4.28
OG DSN H 41 0.80 29.72 -4.66
N DAL H 42 3.39 26.65 -3.49
CA DAL H 42 4.45 25.65 -3.50
CB DAL H 42 5.64 26.15 -2.72
C DAL H 42 4.83 25.26 -4.92
O DAL H 42 5.80 24.52 -5.06
N DSG H 43 4.08 25.69 -5.94
CA DSG H 43 4.22 25.21 -7.30
C DSG H 43 4.45 23.69 -7.32
O DSG H 43 5.50 23.14 -7.70
CB DSG H 43 2.97 25.50 -8.15
CG DSG H 43 2.67 26.97 -8.34
OD1 DSG H 43 3.56 27.77 -8.63
ND2 DSG H 43 1.40 27.31 -8.23
N DLE H 44 3.41 22.98 -6.88
CA DLE H 44 3.28 21.54 -7.07
CB DLE H 44 1.79 21.15 -7.00
CG DLE H 44 0.83 22.00 -7.85
CD1 DLE H 44 -0.13 21.15 -8.67
CD2 DLE H 44 0.09 23.01 -6.99
C DLE H 44 4.12 20.83 -6.00
O DLE H 44 4.61 19.73 -6.22
N DLE H 45 4.24 21.47 -4.84
CA DLE H 45 5.24 21.12 -3.84
CB DLE H 45 5.36 22.27 -2.83
CG DLE H 45 5.53 21.84 -1.38
CD1 DLE H 45 6.62 20.79 -1.27
CD2 DLE H 45 5.82 23.02 -0.48
C DLE H 45 6.59 20.85 -4.50
O DLE H 45 7.16 19.79 -4.28
N DAL H 46 7.10 21.79 -5.28
CA DAL H 46 8.43 21.65 -5.88
CB DAL H 46 8.74 22.87 -6.71
C DAL H 46 8.52 20.37 -6.71
O DAL H 46 9.53 19.64 -6.62
N DGL H 47 7.46 20.09 -7.48
CA DGL H 47 7.47 19.04 -8.50
C DGL H 47 7.36 17.68 -7.82
O DGL H 47 7.74 16.65 -8.39
CB DGL H 47 6.34 19.25 -9.51
CG DGL H 47 6.72 19.94 -10.81
CD DGL H 47 5.52 20.53 -11.51
OE1 DGL H 47 4.62 21.05 -10.81
OE2 DGL H 47 5.48 20.46 -12.76
N DAL H 48 6.84 17.68 -6.59
CA DAL H 48 6.79 16.47 -5.79
CB DAL H 48 5.81 16.64 -4.66
C DAL H 48 8.20 16.16 -5.27
O DAL H 48 8.75 15.10 -5.56
N DLY H 49 8.76 17.11 -4.52
CA DLY H 49 10.11 16.98 -4.00
C DLY H 49 11.03 16.43 -5.10
O DLY H 49 11.83 15.52 -4.85
CB DLY H 49 10.63 18.34 -3.53
CG DLY H 49 9.92 18.94 -2.33
CD DLY H 49 10.68 20.13 -1.81
CE DLY H 49 10.09 20.72 -0.55
NZ DLY H 49 9.83 22.17 -0.71
N DLY H 50 10.88 17.00 -6.32
CA DLY H 50 11.69 16.57 -7.43
C DLY H 50 11.42 15.09 -7.67
O DLY H 50 12.35 14.29 -7.80
CB DLY H 50 11.44 17.43 -8.67
CG DLY H 50 12.16 16.99 -9.93
CD DLY H 50 13.69 17.10 -9.87
CE DLY H 50 14.35 17.21 -11.23
NZ DLY H 50 14.23 15.96 -12.01
N DLE H 51 10.14 14.74 -7.70
CA DLE H 51 9.69 13.38 -7.99
CB DLE H 51 8.16 13.39 -8.16
CG DLE H 51 7.55 12.35 -9.10
CD1 DLE H 51 7.82 12.70 -10.55
CD2 DLE H 51 8.03 10.93 -8.77
C DLE H 51 10.11 12.45 -6.86
O DLE H 51 10.45 11.28 -7.08
N DSG H 52 10.09 12.98 -5.62
CA DSG H 52 10.54 12.23 -4.46
C DSG H 52 12.05 12.03 -4.52
O DSG H 52 12.52 10.89 -4.39
CB DSG H 52 10.14 12.90 -3.13
CG DSG H 52 10.94 12.40 -1.94
OD1 DSG H 52 10.58 11.40 -1.28
ND2 DSG H 52 12.03 13.08 -1.66
N DAS H 53 12.81 13.12 -4.73
CA DAS H 53 14.26 12.99 -4.82
C DAS H 53 14.57 11.99 -5.94
O DAS H 53 15.47 11.15 -5.79
CB DAS H 53 15.03 14.31 -5.00
CG DAS H 53 14.54 15.59 -4.33
OD1 DAS H 53 14.62 15.72 -3.09
OD2 DAS H 53 14.16 16.49 -5.08
N DAL H 54 13.80 12.05 -7.04
CA DAL H 54 13.99 11.17 -8.17
CB DAL H 54 12.97 11.46 -9.25
C DAL H 54 13.93 9.71 -7.73
O DAL H 54 14.79 8.93 -8.11
N DGN H 55 12.92 9.38 -6.90
CA DGN H 55 12.50 8.00 -6.70
C DGN H 55 13.45 7.20 -5.81
O DGN H 55 13.36 5.97 -5.82
CB DGN H 55 11.05 8.00 -6.18
CG DGN H 55 10.09 7.12 -6.97
CD DGN H 55 9.46 7.81 -8.14
OE1 DGN H 55 8.26 8.02 -8.21
NE2 DGN H 55 10.29 8.17 -9.11
N DAL H 56 14.33 7.88 -5.03
CA DAL H 56 15.70 7.42 -4.73
CB DAL H 56 16.54 7.58 -5.98
C DAL H 56 15.73 6.00 -4.16
O DAL H 56 14.80 5.66 -3.45
N DPR H 57 16.79 5.16 -4.35
CA DPR H 57 16.79 3.80 -3.79
CB DPR H 57 18.28 3.47 -3.73
CG DPR H 57 18.85 4.15 -4.96
CD DPR H 57 18.03 5.42 -5.10
C DPR H 57 16.08 2.77 -4.70
O DPR H 57 15.16 2.09 -4.28
#